data_5MIN
#
_entry.id   5MIN
#
_cell.length_a   54.407
_cell.length_b   54.898
_cell.length_c   85.474
_cell.angle_alpha   88.040
_cell.angle_beta   81.580
_cell.angle_gamma   69.620
#
_symmetry.space_group_name_H-M   'P 1'
#
loop_
_entity.id
_entity.type
_entity.pdbx_description
1 polymer 'Quinoprotein glucose dehydrogenase B'
2 non-polymer 'CALCIUM ION'
3 non-polymer 'CHLORIDE ION'
4 water water
#
_entity_poly.entity_id   1
_entity_poly.type   'polypeptide(L)'
_entity_poly.pdbx_seq_one_letter_code
;DVPLTPSQFAKAKSENFDKKVILSNLNKPHALLWGPDNQIWLTERATGKILRVNPESGSVKTVFQVPEIVNDADGQNGLL
GFAFHPDFKNNPYIYISGTFKNPKSTDKALPNQTIIRRYTYNKSTDTLEKPVDLLAGLPSSKDHQSGRLVIGPDQKIYYT
IGDQGRNQLAYLFLPNQAQHTPTQQELNGKDYHTYMGKVLRLNLDGSIPKDNPSFNGVVSHIYTLGHRNPQGLAFTPNGK
LLQSEQGPNSDDEINLIVKGGNYGWPNVAGYKDDSGYAYANYSAAANKSIKDLAQNGVKVAAGVPVTKESEWTGKNFVPP
LKTLYTVQDTYNYNDPTCGEMTYICWPTVAPSSAYVYKGGKKAITGWENTLLVPSLKRGVIFRIKLDPTYSTTYDDAVPM
FKSNNRYRDVIASPDGNVLYVLTDTAGNVQKDDGSVTNTLENPGSLIKFTYKA
;
_entity_poly.pdbx_strand_id   A,B
#
loop_
_chem_comp.id
_chem_comp.type
_chem_comp.name
_chem_comp.formula
CA non-polymer 'CALCIUM ION' 'Ca 2'
CL non-polymer 'CHLORIDE ION' 'Cl -1'
#
# COMPACT_ATOMS: atom_id res chain seq x y z
N ASP A 1 -2.89 10.13 -2.73
CA ASP A 1 -2.16 11.37 -2.98
C ASP A 1 -3.04 12.64 -2.97
N VAL A 2 -2.38 13.79 -2.81
CA VAL A 2 -3.02 15.12 -2.75
C VAL A 2 -3.21 15.62 -4.20
N PRO A 3 -4.37 16.20 -4.56
CA PRO A 3 -4.54 16.66 -5.95
C PRO A 3 -3.53 17.69 -6.45
N LEU A 4 -3.17 17.58 -7.74
CA LEU A 4 -2.34 18.59 -8.36
C LEU A 4 -3.33 19.70 -8.78
N THR A 5 -2.87 20.93 -8.88
CA THR A 5 -3.74 22.05 -9.30
C THR A 5 -3.77 22.15 -10.84
N PRO A 6 -4.75 22.89 -11.44
CA PRO A 6 -4.74 23.08 -12.89
C PRO A 6 -3.41 23.64 -13.44
N SER A 7 -2.72 24.52 -12.67
CA SER A 7 -1.42 25.10 -13.09
C SER A 7 -0.29 24.07 -13.08
N GLN A 8 -0.32 23.11 -12.14
CA GLN A 8 0.67 22.02 -12.09
C GLN A 8 0.48 21.11 -13.32
N PHE A 9 -0.78 20.82 -13.72
CA PHE A 9 -1.11 20.04 -14.92
C PHE A 9 -0.64 20.73 -16.21
N ALA A 10 -0.94 22.04 -16.35
CA ALA A 10 -0.57 22.85 -17.51
C ALA A 10 0.93 22.89 -17.82
N LYS A 11 1.80 22.80 -16.77
CA LYS A 11 3.26 22.82 -16.87
C LYS A 11 3.86 21.51 -17.41
N ALA A 12 3.07 20.42 -17.44
CA ALA A 12 3.51 19.11 -17.92
C ALA A 12 3.51 19.02 -19.46
N LYS A 13 4.27 19.89 -20.14
CA LYS A 13 4.30 19.96 -21.61
C LYS A 13 5.16 18.90 -22.31
N SER A 14 6.21 18.40 -21.62
CA SER A 14 7.13 17.33 -22.10
C SER A 14 7.89 17.74 -23.38
N GLU A 15 8.71 18.80 -23.23
CA GLU A 15 9.54 19.45 -24.25
C GLU A 15 10.70 18.57 -24.76
N ASN A 16 10.96 17.44 -24.08
CA ASN A 16 12.01 16.49 -24.46
C ASN A 16 11.48 15.43 -25.47
N PHE A 17 10.26 15.62 -26.00
CA PHE A 17 9.66 14.73 -26.99
C PHE A 17 9.12 15.50 -28.19
N ASP A 18 9.20 14.89 -29.39
CA ASP A 18 8.63 15.41 -30.62
C ASP A 18 7.30 14.68 -30.81
N LYS A 19 6.23 15.41 -31.14
CA LYS A 19 4.88 14.87 -31.35
C LYS A 19 4.58 14.71 -32.84
N LYS A 20 3.97 13.58 -33.25
CA LYS A 20 3.58 13.36 -34.63
C LYS A 20 2.28 12.58 -34.69
N VAL A 21 1.27 13.14 -35.38
CA VAL A 21 -0.02 12.45 -35.52
C VAL A 21 0.14 11.44 -36.66
N ILE A 22 -0.16 10.14 -36.40
CA ILE A 22 -0.07 9.04 -37.38
CA ILE A 22 -0.05 9.07 -37.40
C ILE A 22 -1.40 8.87 -38.11
N LEU A 23 -2.50 8.75 -37.33
CA LEU A 23 -3.87 8.58 -37.82
C LEU A 23 -4.77 9.54 -37.07
N SER A 24 -5.81 10.05 -37.73
CA SER A 24 -6.78 10.94 -37.08
C SER A 24 -8.20 10.56 -37.46
N ASN A 25 -9.19 11.10 -36.71
CA ASN A 25 -10.64 10.92 -36.91
C ASN A 25 -11.08 9.44 -36.97
N LEU A 26 -10.49 8.62 -36.08
CA LEU A 26 -10.87 7.24 -35.90
C LEU A 26 -12.20 7.28 -35.15
N ASN A 27 -12.97 6.21 -35.25
CA ASN A 27 -14.30 6.15 -34.64
C ASN A 27 -14.20 5.44 -33.27
N LYS A 28 -13.99 6.25 -32.21
CA LYS A 28 -13.87 5.78 -30.81
C LYS A 28 -12.75 4.71 -30.64
N PRO A 29 -11.48 5.06 -31.00
CA PRO A 29 -10.38 4.09 -30.86
C PRO A 29 -10.23 3.75 -29.38
N HIS A 30 -10.01 2.48 -29.04
CA HIS A 30 -10.07 2.09 -27.63
C HIS A 30 -8.83 1.35 -27.09
N ALA A 31 -8.49 0.19 -27.65
CA ALA A 31 -7.35 -0.58 -27.15
C ALA A 31 -6.22 -0.48 -28.15
N LEU A 32 -4.99 -0.43 -27.65
CA LEU A 32 -3.77 -0.29 -28.45
C LEU A 32 -2.78 -1.36 -28.00
N LEU A 33 -2.18 -2.10 -28.94
CA LEU A 33 -1.20 -3.14 -28.62
C LEU A 33 -0.03 -3.18 -29.58
N TRP A 34 1.15 -3.55 -29.07
CA TRP A 34 2.31 -3.79 -29.92
C TRP A 34 2.15 -5.27 -30.35
N GLY A 35 2.03 -5.49 -31.65
CA GLY A 35 1.76 -6.82 -32.20
C GLY A 35 2.94 -7.79 -32.25
N PRO A 36 2.64 -9.12 -32.36
CA PRO A 36 3.74 -10.12 -32.49
C PRO A 36 4.48 -10.02 -33.82
N ASP A 37 3.91 -9.26 -34.76
CA ASP A 37 4.44 -8.98 -36.09
C ASP A 37 5.19 -7.64 -36.11
N ASN A 38 5.41 -7.03 -34.92
CA ASN A 38 6.06 -5.71 -34.75
C ASN A 38 5.30 -4.58 -35.46
N GLN A 39 3.98 -4.70 -35.54
CA GLN A 39 3.10 -3.66 -36.07
C GLN A 39 2.21 -3.23 -34.90
N ILE A 40 1.56 -2.08 -35.02
CA ILE A 40 0.67 -1.55 -33.99
C ILE A 40 -0.75 -1.99 -34.31
N TRP A 41 -1.45 -2.62 -33.34
CA TRP A 41 -2.82 -3.02 -33.58
C TRP A 41 -3.72 -2.19 -32.68
N LEU A 42 -4.88 -1.78 -33.19
CA LEU A 42 -5.82 -0.99 -32.39
C LEU A 42 -7.27 -1.32 -32.73
N THR A 43 -8.19 -1.04 -31.80
CA THR A 43 -9.60 -1.30 -32.02
C THR A 43 -10.38 0.01 -32.10
N GLU A 44 -11.55 -0.05 -32.73
CA GLU A 44 -12.56 1.00 -32.76
C GLU A 44 -13.73 0.38 -32.00
N ARG A 45 -14.03 0.93 -30.82
CA ARG A 45 -15.10 0.42 -29.96
C ARG A 45 -16.48 0.49 -30.63
N ALA A 46 -16.76 1.57 -31.39
CA ALA A 46 -18.06 1.79 -31.99
C ALA A 46 -18.40 0.87 -33.14
N THR A 47 -17.41 0.58 -34.00
CA THR A 47 -17.59 -0.20 -35.23
C THR A 47 -17.23 -1.69 -35.13
N GLY A 48 -16.43 -2.06 -34.13
CA GLY A 48 -15.94 -3.43 -33.99
C GLY A 48 -14.75 -3.68 -34.92
N LYS A 49 -14.21 -2.61 -35.52
CA LYS A 49 -13.04 -2.74 -36.40
C LYS A 49 -11.74 -3.00 -35.64
N ILE A 50 -10.90 -3.89 -36.19
CA ILE A 50 -9.58 -4.21 -35.66
C ILE A 50 -8.60 -3.74 -36.75
N LEU A 51 -7.76 -2.76 -36.39
CA LEU A 51 -6.80 -2.13 -37.31
C LEU A 51 -5.35 -2.48 -37.01
N ARG A 52 -4.54 -2.51 -38.07
CA ARG A 52 -3.10 -2.75 -37.98
C ARG A 52 -2.38 -1.63 -38.75
N VAL A 53 -1.51 -0.92 -38.04
CA VAL A 53 -0.71 0.21 -38.55
C VAL A 53 0.74 -0.20 -38.64
N ASN A 54 1.37 0.08 -39.79
CA ASN A 54 2.78 -0.20 -39.96
C ASN A 54 3.55 0.94 -39.27
N PRO A 55 4.40 0.66 -38.24
CA PRO A 55 5.11 1.78 -37.58
C PRO A 55 6.16 2.47 -38.45
N GLU A 56 6.67 1.79 -39.51
CA GLU A 56 7.71 2.35 -40.40
C GLU A 56 7.15 3.16 -41.58
N SER A 57 5.91 2.88 -42.01
CA SER A 57 5.30 3.51 -43.18
C SER A 57 4.00 4.27 -42.92
N GLY A 58 3.37 4.02 -41.77
CA GLY A 58 2.13 4.68 -41.38
C GLY A 58 0.89 4.13 -42.09
N SER A 59 1.05 3.18 -43.02
CA SER A 59 -0.10 2.57 -43.71
C SER A 59 -0.95 1.77 -42.72
N VAL A 60 -2.27 1.69 -42.97
CA VAL A 60 -3.23 1.02 -42.09
CA VAL A 60 -3.25 1.03 -42.09
C VAL A 60 -4.16 0.10 -42.89
N LYS A 61 -4.52 -1.03 -42.29
CA LYS A 61 -5.43 -2.02 -42.85
C LYS A 61 -6.48 -2.39 -41.81
N THR A 62 -7.76 -2.51 -42.22
CA THR A 62 -8.80 -3.03 -41.35
C THR A 62 -8.65 -4.56 -41.52
N VAL A 63 -7.98 -5.20 -40.55
CA VAL A 63 -7.71 -6.66 -40.57
C VAL A 63 -9.03 -7.43 -40.50
N PHE A 64 -9.93 -6.97 -39.63
CA PHE A 64 -11.22 -7.64 -39.43
C PHE A 64 -12.24 -6.69 -38.81
N GLN A 65 -13.54 -6.95 -39.06
CA GLN A 65 -14.59 -6.19 -38.38
C GLN A 65 -15.48 -7.19 -37.64
N VAL A 66 -15.52 -7.12 -36.28
CA VAL A 66 -16.33 -8.04 -35.46
C VAL A 66 -17.81 -7.75 -35.80
N PRO A 67 -18.54 -8.70 -36.41
CA PRO A 67 -19.93 -8.38 -36.77
C PRO A 67 -20.86 -8.27 -35.56
N GLU A 68 -21.93 -7.50 -35.73
CA GLU A 68 -23.05 -7.30 -34.80
C GLU A 68 -22.65 -6.71 -33.44
N ILE A 69 -21.55 -5.93 -33.39
CA ILE A 69 -21.18 -5.24 -32.14
C ILE A 69 -22.26 -4.17 -31.90
N VAL A 70 -22.79 -4.08 -30.67
CA VAL A 70 -23.80 -3.09 -30.31
C VAL A 70 -23.11 -1.92 -29.58
N ASN A 71 -23.32 -0.69 -30.07
CA ASN A 71 -22.76 0.52 -29.44
C ASN A 71 -23.81 1.63 -29.44
N ASP A 72 -24.11 2.18 -28.26
CA ASP A 72 -25.05 3.29 -28.13
C ASP A 72 -24.21 4.57 -28.16
N ALA A 73 -24.72 5.63 -28.82
CA ALA A 73 -24.03 6.92 -28.94
C ALA A 73 -23.76 7.54 -27.56
N ASP A 74 -24.64 7.26 -26.57
CA ASP A 74 -24.51 7.72 -25.18
C ASP A 74 -23.95 6.61 -24.25
N GLY A 75 -23.30 5.61 -24.83
CA GLY A 75 -22.77 4.49 -24.07
C GLY A 75 -21.29 4.23 -24.23
N GLN A 76 -20.72 3.51 -23.27
CA GLN A 76 -19.34 3.08 -23.23
C GLN A 76 -19.25 1.58 -23.63
N ASN A 77 -20.29 1.07 -24.30
CA ASN A 77 -20.36 -0.33 -24.75
C ASN A 77 -19.78 -0.42 -26.17
N GLY A 78 -19.69 -1.64 -26.71
CA GLY A 78 -19.16 -1.89 -28.05
C GLY A 78 -18.10 -2.96 -28.01
N LEU A 79 -17.05 -2.82 -28.85
CA LEU A 79 -15.91 -3.76 -28.85
C LEU A 79 -14.95 -3.29 -27.75
N LEU A 80 -14.66 -4.18 -26.76
CA LEU A 80 -13.87 -3.82 -25.58
C LEU A 80 -12.54 -4.58 -25.46
N GLY A 81 -12.59 -5.82 -24.95
CA GLY A 81 -11.42 -6.66 -24.76
C GLY A 81 -10.64 -6.93 -26.03
N PHE A 82 -9.30 -6.95 -25.91
CA PHE A 82 -8.43 -7.19 -27.07
C PHE A 82 -7.05 -7.64 -26.62
N ALA A 83 -6.66 -8.88 -26.97
CA ALA A 83 -5.33 -9.42 -26.61
C ALA A 83 -4.91 -10.52 -27.57
N PHE A 84 -3.59 -10.66 -27.77
CA PHE A 84 -3.02 -11.73 -28.56
C PHE A 84 -2.66 -12.85 -27.60
N HIS A 85 -2.67 -14.09 -28.09
CA HIS A 85 -2.14 -15.22 -27.33
C HIS A 85 -0.61 -14.96 -27.18
N PRO A 86 -0.03 -15.17 -25.98
CA PRO A 86 1.40 -14.88 -25.77
C PRO A 86 2.40 -15.64 -26.65
N ASP A 87 2.02 -16.82 -27.16
CA ASP A 87 2.90 -17.60 -28.02
C ASP A 87 2.27 -17.61 -29.41
N PHE A 88 2.12 -16.40 -30.02
CA PHE A 88 1.40 -16.20 -31.27
C PHE A 88 1.89 -17.02 -32.46
N LYS A 89 3.22 -17.17 -32.65
CA LYS A 89 3.79 -17.95 -33.76
C LYS A 89 3.30 -19.39 -33.70
N ASN A 90 3.21 -19.95 -32.48
CA ASN A 90 2.77 -21.31 -32.21
C ASN A 90 1.28 -21.43 -31.75
N ASN A 91 0.56 -20.28 -31.60
CA ASN A 91 -0.86 -20.20 -31.16
C ASN A 91 -1.47 -18.89 -31.72
N PRO A 92 -1.93 -18.88 -33.00
CA PRO A 92 -2.38 -17.62 -33.63
C PRO A 92 -3.79 -17.16 -33.27
N TYR A 93 -4.02 -16.84 -31.99
CA TYR A 93 -5.34 -16.40 -31.54
C TYR A 93 -5.40 -14.97 -31.05
N ILE A 94 -6.55 -14.34 -31.29
CA ILE A 94 -6.91 -13.01 -30.80
C ILE A 94 -8.13 -13.21 -29.91
N TYR A 95 -8.09 -12.62 -28.71
CA TYR A 95 -9.18 -12.73 -27.74
C TYR A 95 -9.80 -11.35 -27.63
N ILE A 96 -11.14 -11.31 -27.72
CA ILE A 96 -11.86 -10.04 -27.59
C ILE A 96 -13.03 -10.18 -26.62
N SER A 97 -13.60 -9.05 -26.24
CA SER A 97 -14.89 -9.00 -25.57
C SER A 97 -15.71 -7.92 -26.27
N GLY A 98 -17.01 -8.13 -26.31
CA GLY A 98 -17.89 -7.17 -26.95
C GLY A 98 -19.31 -7.21 -26.44
N THR A 99 -20.04 -6.12 -26.73
CA THR A 99 -21.46 -5.95 -26.43
C THR A 99 -22.22 -6.53 -27.61
N PHE A 100 -23.11 -7.48 -27.35
CA PHE A 100 -23.96 -8.12 -28.36
C PHE A 100 -25.40 -8.20 -27.82
N LYS A 101 -26.38 -8.23 -28.72
CA LYS A 101 -27.77 -8.38 -28.30
C LYS A 101 -27.94 -9.67 -27.50
N ASN A 102 -28.79 -9.63 -26.46
CA ASN A 102 -29.16 -10.81 -25.67
C ASN A 102 -30.60 -11.17 -26.11
N PRO A 103 -30.78 -12.15 -27.01
CA PRO A 103 -32.14 -12.50 -27.47
C PRO A 103 -33.10 -13.02 -26.38
N LYS A 104 -32.57 -13.43 -25.21
CA LYS A 104 -33.35 -13.94 -24.07
C LYS A 104 -33.79 -12.85 -23.08
N SER A 105 -33.29 -11.59 -23.27
CA SER A 105 -33.61 -10.46 -22.38
CA SER A 105 -33.60 -10.45 -22.40
C SER A 105 -35.11 -10.15 -22.33
N THR A 106 -35.61 -9.92 -21.11
CA THR A 106 -37.01 -9.58 -20.80
C THR A 106 -37.05 -8.10 -20.41
N ASP A 107 -36.00 -7.64 -19.69
CA ASP A 107 -35.81 -6.28 -19.20
C ASP A 107 -35.32 -5.36 -20.34
N LYS A 108 -36.18 -4.43 -20.79
CA LYS A 108 -35.90 -3.48 -21.87
C LYS A 108 -34.82 -2.45 -21.51
N ALA A 109 -34.57 -2.23 -20.20
CA ALA A 109 -33.51 -1.33 -19.75
C ALA A 109 -32.14 -2.01 -19.92
N LEU A 110 -32.08 -3.37 -19.94
CA LEU A 110 -30.83 -4.11 -20.13
C LEU A 110 -30.98 -5.18 -21.25
N PRO A 111 -30.98 -4.73 -22.54
CA PRO A 111 -31.20 -5.67 -23.65
C PRO A 111 -29.99 -6.47 -24.14
N ASN A 112 -28.78 -6.11 -23.69
CA ASN A 112 -27.54 -6.69 -24.19
C ASN A 112 -26.82 -7.60 -23.23
N GLN A 113 -25.77 -8.25 -23.73
CA GLN A 113 -24.88 -9.13 -22.96
C GLN A 113 -23.46 -8.82 -23.38
N THR A 114 -22.49 -9.26 -22.57
CA THR A 114 -21.07 -9.17 -22.94
C THR A 114 -20.63 -10.60 -23.24
N ILE A 115 -19.83 -10.78 -24.31
CA ILE A 115 -19.29 -12.09 -24.68
C ILE A 115 -17.76 -12.00 -24.81
N ILE A 116 -17.04 -12.95 -24.20
CA ILE A 116 -15.58 -13.12 -24.38
C ILE A 116 -15.49 -14.18 -25.50
N ARG A 117 -14.82 -13.81 -26.59
CA ARG A 117 -14.73 -14.59 -27.81
C ARG A 117 -13.31 -14.69 -28.33
N ARG A 118 -12.97 -15.84 -28.90
CA ARG A 118 -11.67 -16.07 -29.53
C ARG A 118 -11.82 -16.09 -31.06
N TYR A 119 -10.81 -15.56 -31.78
CA TYR A 119 -10.70 -15.62 -33.23
C TYR A 119 -9.33 -16.22 -33.56
N THR A 120 -9.20 -16.86 -34.74
CA THR A 120 -7.93 -17.38 -35.21
C THR A 120 -7.43 -16.50 -36.36
N TYR A 121 -6.17 -16.10 -36.30
CA TYR A 121 -5.57 -15.31 -37.38
C TYR A 121 -5.14 -16.26 -38.50
N ASN A 122 -5.52 -15.92 -39.74
CA ASN A 122 -5.17 -16.69 -40.94
C ASN A 122 -4.15 -15.84 -41.71
N LYS A 123 -2.88 -16.28 -41.75
CA LYS A 123 -1.79 -15.56 -42.40
C LYS A 123 -1.90 -15.53 -43.92
N SER A 124 -2.44 -16.60 -44.53
CA SER A 124 -2.60 -16.68 -45.98
C SER A 124 -3.63 -15.69 -46.50
N THR A 125 -4.69 -15.39 -45.72
CA THR A 125 -5.73 -14.43 -46.14
C THR A 125 -5.60 -13.09 -45.38
N ASP A 126 -4.69 -13.03 -44.38
CA ASP A 126 -4.45 -11.86 -43.52
C ASP A 126 -5.75 -11.33 -42.86
N THR A 127 -6.59 -12.24 -42.33
CA THR A 127 -7.82 -11.87 -41.62
C THR A 127 -8.08 -12.82 -40.43
N LEU A 128 -9.22 -12.64 -39.75
CA LEU A 128 -9.65 -13.42 -38.60
C LEU A 128 -10.76 -14.34 -39.02
N GLU A 129 -10.80 -15.53 -38.42
CA GLU A 129 -11.80 -16.53 -38.75
C GLU A 129 -12.10 -17.39 -37.55
N LYS A 130 -13.03 -18.33 -37.76
CA LYS A 130 -13.43 -19.37 -36.82
C LYS A 130 -13.70 -18.83 -35.40
N PRO A 131 -14.72 -17.96 -35.22
CA PRO A 131 -15.01 -17.46 -33.86
C PRO A 131 -15.39 -18.58 -32.90
N VAL A 132 -14.98 -18.43 -31.62
CA VAL A 132 -15.31 -19.39 -30.56
C VAL A 132 -15.77 -18.54 -29.37
N ASP A 133 -17.04 -18.68 -28.94
CA ASP A 133 -17.50 -17.98 -27.74
C ASP A 133 -16.92 -18.72 -26.53
N LEU A 134 -16.19 -18.00 -25.66
CA LEU A 134 -15.58 -18.61 -24.47
C LEU A 134 -16.49 -18.47 -23.27
N LEU A 135 -17.07 -17.27 -23.09
CA LEU A 135 -17.98 -17.01 -21.98
C LEU A 135 -18.99 -15.97 -22.41
N ALA A 136 -20.28 -16.33 -22.38
CA ALA A 136 -21.39 -15.48 -22.79
C ALA A 136 -22.39 -15.23 -21.65
N GLY A 137 -23.34 -14.34 -21.89
CA GLY A 137 -24.36 -14.00 -20.90
C GLY A 137 -23.80 -13.16 -19.76
N LEU A 138 -22.71 -12.42 -20.03
CA LEU A 138 -22.12 -11.56 -19.03
C LEU A 138 -22.89 -10.24 -18.98
N PRO A 139 -22.97 -9.57 -17.80
CA PRO A 139 -23.68 -8.28 -17.73
C PRO A 139 -23.22 -7.28 -18.77
N SER A 140 -24.15 -6.42 -19.23
CA SER A 140 -23.88 -5.32 -20.17
C SER A 140 -24.76 -4.13 -19.80
N SER A 141 -24.22 -2.91 -19.95
CA SER A 141 -24.92 -1.64 -19.73
C SER A 141 -24.20 -0.54 -20.52
N LYS A 142 -24.70 0.70 -20.44
CA LYS A 142 -24.07 1.84 -21.13
C LYS A 142 -22.87 2.41 -20.37
N ASP A 143 -22.71 2.03 -19.08
CA ASP A 143 -21.73 2.63 -18.19
C ASP A 143 -20.82 1.63 -17.50
N HIS A 144 -19.58 2.05 -17.17
CA HIS A 144 -18.61 1.24 -16.42
C HIS A 144 -18.54 -0.22 -16.90
N GLN A 145 -18.25 -0.38 -18.19
CA GLN A 145 -18.10 -1.70 -18.81
C GLN A 145 -16.69 -2.25 -18.53
N SER A 146 -15.67 -1.34 -18.56
CA SER A 146 -14.26 -1.66 -18.30
C SER A 146 -13.74 -2.55 -19.47
N GLY A 147 -13.69 -3.85 -19.26
CA GLY A 147 -13.40 -4.79 -20.34
C GLY A 147 -11.95 -4.95 -20.77
N ARG A 148 -10.99 -4.69 -19.88
CA ARG A 148 -9.59 -4.94 -20.24
C ARG A 148 -9.35 -6.47 -20.15
N LEU A 149 -8.72 -7.01 -21.18
CA LEU A 149 -8.51 -8.47 -21.32
C LEU A 149 -7.04 -8.71 -21.57
N VAL A 150 -6.39 -9.45 -20.66
CA VAL A 150 -4.96 -9.80 -20.78
C VAL A 150 -4.74 -11.29 -20.55
N ILE A 151 -3.63 -11.84 -21.09
CA ILE A 151 -3.26 -13.24 -20.84
C ILE A 151 -2.09 -13.22 -19.87
N GLY A 152 -2.23 -13.91 -18.74
CA GLY A 152 -1.19 -13.95 -17.72
C GLY A 152 -0.07 -14.92 -18.00
N PRO A 153 1.01 -14.90 -17.18
CA PRO A 153 2.13 -15.85 -17.38
C PRO A 153 1.72 -17.31 -17.09
N ASP A 154 0.59 -17.50 -16.39
CA ASP A 154 0.00 -18.80 -16.09
C ASP A 154 -0.88 -19.27 -17.28
N GLN A 155 -0.89 -18.48 -18.38
CA GLN A 155 -1.66 -18.72 -19.62
C GLN A 155 -3.19 -18.77 -19.38
N LYS A 156 -3.67 -17.89 -18.50
CA LYS A 156 -5.11 -17.75 -18.22
C LYS A 156 -5.53 -16.37 -18.69
N ILE A 157 -6.83 -16.21 -19.03
CA ILE A 157 -7.37 -14.91 -19.40
C ILE A 157 -7.75 -14.18 -18.12
N TYR A 158 -7.33 -12.93 -17.99
CA TYR A 158 -7.72 -12.04 -16.89
C TYR A 158 -8.59 -10.96 -17.52
N TYR A 159 -9.79 -10.74 -16.97
CA TYR A 159 -10.74 -9.83 -17.59
C TYR A 159 -11.42 -8.92 -16.59
N THR A 160 -11.36 -7.60 -16.82
CA THR A 160 -12.05 -6.67 -15.90
C THR A 160 -13.48 -6.44 -16.39
N ILE A 161 -14.45 -6.54 -15.47
CA ILE A 161 -15.86 -6.27 -15.78
C ILE A 161 -16.35 -5.27 -14.73
N GLY A 162 -16.71 -4.07 -15.18
CA GLY A 162 -17.11 -2.98 -14.30
C GLY A 162 -18.43 -3.21 -13.58
N ASP A 163 -18.75 -2.29 -12.66
CA ASP A 163 -19.97 -2.34 -11.85
C ASP A 163 -21.23 -1.93 -12.61
N GLN A 164 -21.11 -1.69 -13.94
CA GLN A 164 -22.27 -1.39 -14.83
C GLN A 164 -22.93 -0.02 -14.55
N GLY A 165 -22.27 0.79 -13.71
CA GLY A 165 -22.73 2.13 -13.35
C GLY A 165 -23.83 2.16 -12.31
N ARG A 166 -24.07 1.03 -11.61
CA ARG A 166 -25.10 0.96 -10.56
C ARG A 166 -24.76 1.91 -9.40
N ASN A 167 -25.79 2.56 -8.83
CA ASN A 167 -25.64 3.54 -7.75
C ASN A 167 -25.16 4.94 -8.21
N GLN A 168 -25.33 5.24 -9.51
CA GLN A 168 -25.04 6.56 -10.06
CA GLN A 168 -24.96 6.53 -10.09
C GLN A 168 -25.74 6.79 -11.38
N LEU A 169 -26.11 8.07 -11.60
CA LEU A 169 -26.76 8.61 -12.78
C LEU A 169 -27.93 7.77 -13.29
N ALA A 170 -27.90 7.26 -14.56
CA ALA A 170 -29.06 6.54 -15.08
C ALA A 170 -29.40 5.21 -14.36
N TYR A 171 -28.45 4.65 -13.60
CA TYR A 171 -28.65 3.39 -12.89
C TYR A 171 -28.57 3.62 -11.39
N LEU A 172 -28.93 4.84 -10.95
CA LEU A 172 -28.83 5.25 -9.54
C LEU A 172 -29.50 4.29 -8.55
N PHE A 173 -30.70 3.82 -8.90
CA PHE A 173 -31.50 3.02 -7.97
C PHE A 173 -31.32 1.50 -8.14
N LEU A 174 -30.39 1.06 -8.99
CA LEU A 174 -30.10 -0.37 -9.11
C LEU A 174 -29.09 -0.79 -8.03
N PRO A 175 -29.28 -1.95 -7.35
CA PRO A 175 -28.34 -2.32 -6.27
C PRO A 175 -26.99 -2.76 -6.81
N ASN A 176 -25.90 -2.10 -6.36
CA ASN A 176 -24.56 -2.41 -6.82
C ASN A 176 -24.18 -3.86 -6.47
N GLN A 177 -23.67 -4.60 -7.47
CA GLN A 177 -23.31 -6.01 -7.29
C GLN A 177 -21.80 -6.26 -7.09
N ALA A 178 -20.97 -5.19 -6.96
CA ALA A 178 -19.51 -5.41 -6.82
C ALA A 178 -19.13 -6.31 -5.63
N GLN A 179 -19.88 -6.25 -4.52
CA GLN A 179 -19.64 -7.12 -3.34
C GLN A 179 -20.35 -8.47 -3.45
N HIS A 180 -21.24 -8.65 -4.45
CA HIS A 180 -22.03 -9.89 -4.55
C HIS A 180 -21.31 -10.97 -5.35
N THR A 181 -21.52 -12.26 -4.96
CA THR A 181 -20.89 -13.39 -5.66
C THR A 181 -21.94 -14.48 -5.94
N PRO A 182 -21.70 -15.38 -6.91
CA PRO A 182 -22.77 -16.33 -7.26
C PRO A 182 -22.99 -17.43 -6.25
N THR A 183 -24.24 -17.90 -6.19
CA THR A 183 -24.54 -19.07 -5.36
C THR A 183 -24.14 -20.27 -6.22
N GLN A 184 -24.04 -21.46 -5.63
CA GLN A 184 -23.70 -22.64 -6.41
C GLN A 184 -24.81 -22.89 -7.47
N GLN A 185 -26.09 -22.66 -7.09
CA GLN A 185 -27.23 -22.78 -8.02
C GLN A 185 -27.09 -21.84 -9.24
N GLU A 186 -26.78 -20.56 -9.00
CA GLU A 186 -26.61 -19.57 -10.09
C GLU A 186 -25.45 -19.95 -10.99
N LEU A 187 -24.34 -20.38 -10.40
CA LEU A 187 -23.18 -20.77 -11.19
C LEU A 187 -23.48 -22.00 -12.05
N ASN A 188 -24.17 -23.02 -11.47
CA ASN A 188 -24.55 -24.22 -12.22
C ASN A 188 -25.48 -23.88 -13.39
N GLY A 189 -26.34 -22.87 -13.19
CA GLY A 189 -27.28 -22.39 -14.20
C GLY A 189 -26.74 -21.34 -15.14
N LYS A 190 -25.41 -21.02 -15.05
CA LYS A 190 -24.73 -20.01 -15.89
C LYS A 190 -25.38 -18.63 -15.75
N ASP A 191 -25.86 -18.32 -14.54
CA ASP A 191 -26.45 -17.02 -14.21
C ASP A 191 -25.30 -16.19 -13.65
N TYR A 192 -24.78 -15.29 -14.50
CA TYR A 192 -23.62 -14.47 -14.19
C TYR A 192 -23.95 -13.01 -13.78
N HIS A 193 -25.15 -12.76 -13.18
CA HIS A 193 -25.52 -11.39 -12.81
C HIS A 193 -24.60 -10.76 -11.78
N THR A 194 -23.93 -11.59 -10.96
CA THR A 194 -22.98 -11.09 -9.94
C THR A 194 -21.61 -10.80 -10.52
N TYR A 195 -21.38 -11.07 -11.83
CA TYR A 195 -20.10 -10.78 -12.50
C TYR A 195 -20.10 -9.30 -12.91
N MET A 196 -20.13 -8.41 -11.91
CA MET A 196 -20.10 -6.94 -12.03
C MET A 196 -19.09 -6.47 -10.97
N GLY A 197 -18.18 -5.58 -11.36
CA GLY A 197 -17.16 -5.05 -10.46
C GLY A 197 -16.18 -6.13 -10.00
N LYS A 198 -15.72 -6.94 -10.95
CA LYS A 198 -14.82 -8.05 -10.70
C LYS A 198 -13.64 -8.12 -11.66
N VAL A 199 -12.62 -8.87 -11.28
CA VAL A 199 -11.56 -9.26 -12.19
C VAL A 199 -11.84 -10.75 -12.32
N LEU A 200 -12.11 -11.22 -13.54
CA LEU A 200 -12.33 -12.65 -13.79
C LEU A 200 -11.02 -13.29 -14.24
N ARG A 201 -10.86 -14.56 -13.92
CA ARG A 201 -9.73 -15.39 -14.37
C ARG A 201 -10.36 -16.64 -14.99
N LEU A 202 -10.10 -16.86 -16.27
CA LEU A 202 -10.68 -17.94 -17.05
C LEU A 202 -9.61 -18.82 -17.69
N ASN A 203 -9.97 -20.09 -17.93
CA ASN A 203 -9.13 -20.98 -18.75
C ASN A 203 -9.27 -20.50 -20.21
N LEU A 204 -8.30 -20.84 -21.05
CA LEU A 204 -8.32 -20.42 -22.45
C LEU A 204 -9.51 -20.97 -23.26
N ASP A 205 -10.25 -21.95 -22.71
CA ASP A 205 -11.45 -22.51 -23.35
C ASP A 205 -12.72 -21.93 -22.72
N GLY A 206 -12.54 -20.95 -21.82
CA GLY A 206 -13.62 -20.27 -21.09
C GLY A 206 -14.10 -20.94 -19.82
N SER A 207 -13.61 -22.15 -19.51
CA SER A 207 -14.01 -22.88 -18.29
C SER A 207 -13.39 -22.30 -17.03
N ILE A 208 -13.92 -22.71 -15.86
CA ILE A 208 -13.46 -22.22 -14.56
C ILE A 208 -12.14 -22.87 -14.18
N PRO A 209 -11.10 -22.07 -13.90
CA PRO A 209 -9.83 -22.66 -13.45
C PRO A 209 -10.03 -23.40 -12.11
N LYS A 210 -9.51 -24.64 -12.02
CA LYS A 210 -9.68 -25.44 -10.79
CA LYS A 210 -9.61 -25.49 -10.82
C LYS A 210 -8.94 -24.83 -9.58
N ASP A 211 -8.01 -23.90 -9.83
CA ASP A 211 -7.27 -23.22 -8.78
C ASP A 211 -7.75 -21.79 -8.51
N ASN A 212 -8.96 -21.40 -9.01
CA ASN A 212 -9.53 -20.08 -8.73
C ASN A 212 -9.91 -19.99 -7.25
N PRO A 213 -9.96 -18.76 -6.66
CA PRO A 213 -10.32 -18.67 -5.24
C PRO A 213 -11.80 -19.00 -5.05
N SER A 214 -12.21 -19.24 -3.81
CA SER A 214 -13.62 -19.48 -3.56
C SER A 214 -14.22 -18.28 -2.80
N PHE A 215 -15.53 -18.05 -3.00
CA PHE A 215 -16.29 -17.00 -2.31
C PHE A 215 -17.56 -17.69 -1.79
N ASN A 216 -17.71 -17.76 -0.45
CA ASN A 216 -18.79 -18.52 0.21
C ASN A 216 -18.79 -20.00 -0.27
N GLY A 217 -17.57 -20.53 -0.44
CA GLY A 217 -17.32 -21.92 -0.83
C GLY A 217 -17.41 -22.19 -2.33
N VAL A 218 -17.89 -21.21 -3.11
CA VAL A 218 -18.12 -21.35 -4.57
C VAL A 218 -16.88 -20.94 -5.36
N VAL A 219 -16.41 -21.82 -6.25
CA VAL A 219 -15.28 -21.48 -7.14
C VAL A 219 -15.87 -21.14 -8.53
N SER A 220 -15.93 -19.84 -8.87
CA SER A 220 -16.49 -19.38 -10.15
C SER A 220 -15.35 -18.76 -11.01
N HIS A 221 -15.69 -17.98 -12.06
CA HIS A 221 -14.67 -17.28 -12.86
C HIS A 221 -14.10 -16.08 -12.08
N ILE A 222 -14.69 -15.71 -10.94
CA ILE A 222 -14.22 -14.57 -10.16
C ILE A 222 -12.83 -14.81 -9.55
N TYR A 223 -11.93 -13.82 -9.75
CA TYR A 223 -10.58 -13.81 -9.18
C TYR A 223 -10.53 -12.79 -8.04
N THR A 224 -11.05 -11.56 -8.27
CA THR A 224 -11.15 -10.50 -7.24
C THR A 224 -12.50 -9.82 -7.36
N LEU A 225 -12.97 -9.20 -6.27
CA LEU A 225 -14.24 -8.46 -6.31
C LEU A 225 -14.09 -7.06 -5.69
N GLY A 226 -15.18 -6.29 -5.67
CA GLY A 226 -15.20 -4.98 -5.07
C GLY A 226 -14.50 -3.94 -5.91
N HIS A 227 -14.76 -3.96 -7.24
CA HIS A 227 -14.22 -2.95 -8.15
C HIS A 227 -15.35 -2.07 -8.72
N ARG A 228 -15.00 -0.83 -9.10
CA ARG A 228 -15.92 0.11 -9.71
C ARG A 228 -15.79 0.11 -11.25
N ASN A 229 -14.78 0.82 -11.81
CA ASN A 229 -14.54 0.85 -13.27
C ASN A 229 -13.04 0.61 -13.56
N PRO A 230 -12.57 -0.65 -13.46
CA PRO A 230 -11.13 -0.93 -13.70
C PRO A 230 -10.77 -1.05 -15.18
N GLN A 231 -10.36 0.08 -15.76
CA GLN A 231 -10.03 0.12 -17.19
C GLN A 231 -8.57 -0.24 -17.46
N GLY A 232 -7.76 -0.36 -16.40
CA GLY A 232 -6.34 -0.70 -16.57
C GLY A 232 -5.98 -2.03 -15.95
N LEU A 233 -5.27 -2.89 -16.70
CA LEU A 233 -4.80 -4.18 -16.16
C LEU A 233 -3.50 -4.53 -16.89
N ALA A 234 -2.41 -4.84 -16.14
CA ALA A 234 -1.10 -5.11 -16.77
C ALA A 234 -0.22 -5.96 -15.89
N PHE A 235 0.33 -7.05 -16.46
CA PHE A 235 1.27 -7.89 -15.72
C PHE A 235 2.65 -7.29 -15.78
N THR A 236 3.41 -7.46 -14.70
CA THR A 236 4.79 -7.03 -14.66
C THR A 236 5.66 -8.23 -15.05
N PRO A 237 6.94 -8.04 -15.44
CA PRO A 237 7.79 -9.19 -15.80
C PRO A 237 7.97 -10.24 -14.71
N ASN A 238 7.87 -9.86 -13.41
CA ASN A 238 8.00 -10.82 -12.31
C ASN A 238 6.64 -11.44 -11.86
N GLY A 239 5.61 -11.29 -12.70
CA GLY A 239 4.32 -11.94 -12.49
C GLY A 239 3.30 -11.25 -11.63
N LYS A 240 3.53 -9.99 -11.27
CA LYS A 240 2.58 -9.23 -10.48
C LYS A 240 1.54 -8.60 -11.40
N LEU A 241 0.35 -8.36 -10.87
CA LEU A 241 -0.74 -7.81 -11.64
C LEU A 241 -1.12 -6.43 -11.15
N LEU A 242 -0.79 -5.41 -11.94
CA LEU A 242 -1.11 -4.00 -11.64
C LEU A 242 -2.41 -3.58 -12.33
N GLN A 243 -3.09 -2.59 -11.75
CA GLN A 243 -4.41 -2.23 -12.23
C GLN A 243 -4.70 -0.77 -11.90
N SER A 244 -5.48 -0.12 -12.77
CA SER A 244 -5.98 1.22 -12.55
C SER A 244 -7.49 1.14 -12.58
N GLU A 245 -8.14 2.00 -11.80
CA GLU A 245 -9.59 1.97 -11.68
C GLU A 245 -10.10 3.37 -11.39
N GLN A 246 -11.22 3.75 -12.02
CA GLN A 246 -11.83 5.05 -11.78
C GLN A 246 -12.69 4.98 -10.54
N GLY A 247 -12.49 5.95 -9.67
CA GLY A 247 -13.28 6.11 -8.46
C GLY A 247 -14.41 7.07 -8.77
N PRO A 248 -15.26 7.41 -7.77
CA PRO A 248 -16.39 8.34 -8.02
C PRO A 248 -15.98 9.84 -8.06
N ASN A 249 -16.27 10.66 -7.02
CA ASN A 249 -15.79 12.07 -7.05
C ASN A 249 -14.32 12.18 -6.64
N SER A 250 -13.77 11.09 -6.10
CA SER A 250 -12.42 11.04 -5.55
C SER A 250 -11.89 9.63 -5.72
N ASP A 251 -10.63 9.43 -5.30
CA ASP A 251 -10.07 8.10 -5.14
C ASP A 251 -10.09 7.20 -6.37
N ASP A 252 -9.53 7.68 -7.49
CA ASP A 252 -9.21 6.77 -8.59
C ASP A 252 -8.07 5.96 -7.97
N GLU A 253 -7.85 4.74 -8.42
CA GLU A 253 -6.86 3.90 -7.77
C GLU A 253 -5.89 3.23 -8.69
N ILE A 254 -4.70 2.94 -8.14
CA ILE A 254 -3.68 2.05 -8.69
C ILE A 254 -3.71 0.90 -7.69
N ASN A 255 -4.03 -0.31 -8.17
CA ASN A 255 -4.14 -1.48 -7.31
C ASN A 255 -3.17 -2.57 -7.69
N LEU A 256 -2.83 -3.38 -6.70
CA LEU A 256 -2.07 -4.61 -6.88
C LEU A 256 -3.11 -5.74 -6.74
N ILE A 257 -3.35 -6.49 -7.81
CA ILE A 257 -4.33 -7.58 -7.82
C ILE A 257 -3.77 -8.87 -7.21
N VAL A 258 -4.39 -9.32 -6.11
CA VAL A 258 -4.01 -10.54 -5.41
C VAL A 258 -5.20 -11.49 -5.36
N LYS A 259 -4.92 -12.79 -5.61
CA LYS A 259 -5.94 -13.84 -5.62
C LYS A 259 -6.94 -13.74 -4.46
N GLY A 260 -8.23 -13.62 -4.79
CA GLY A 260 -9.30 -13.60 -3.78
C GLY A 260 -9.46 -12.30 -3.02
N GLY A 261 -8.66 -11.28 -3.36
CA GLY A 261 -8.73 -9.97 -2.72
C GLY A 261 -10.05 -9.25 -2.97
N ASN A 262 -10.53 -8.49 -1.96
CA ASN A 262 -11.75 -7.68 -2.04
C ASN A 262 -11.30 -6.21 -2.07
N TYR A 263 -11.58 -5.50 -3.16
CA TYR A 263 -11.08 -4.13 -3.33
C TYR A 263 -12.07 -3.05 -2.83
N GLY A 264 -13.08 -3.48 -2.05
CA GLY A 264 -13.94 -2.61 -1.25
C GLY A 264 -15.11 -1.83 -1.83
N TRP A 265 -15.10 -1.55 -3.14
CA TRP A 265 -16.19 -0.80 -3.79
C TRP A 265 -17.53 -1.58 -3.66
N PRO A 266 -18.70 -0.95 -3.40
CA PRO A 266 -18.93 0.49 -3.18
C PRO A 266 -18.80 0.93 -1.72
N ASN A 267 -18.57 -0.01 -0.80
CA ASN A 267 -18.48 0.30 0.64
C ASN A 267 -17.29 1.19 0.99
N VAL A 268 -16.20 1.08 0.22
CA VAL A 268 -14.94 1.81 0.42
C VAL A 268 -14.41 2.33 -0.91
N ALA A 269 -14.08 3.62 -0.96
CA ALA A 269 -13.42 4.29 -2.09
C ALA A 269 -12.00 4.61 -1.65
N GLY A 270 -11.00 4.01 -2.32
CA GLY A 270 -9.61 4.25 -1.90
C GLY A 270 -9.27 3.56 -0.58
N TYR A 271 -8.60 4.27 0.32
CA TYR A 271 -8.27 3.69 1.62
C TYR A 271 -9.54 3.64 2.49
N LYS A 272 -9.57 2.77 3.55
CA LYS A 272 -10.69 2.73 4.49
C LYS A 272 -10.37 3.83 5.49
N ASP A 273 -10.60 5.10 5.10
CA ASP A 273 -10.15 6.24 5.88
C ASP A 273 -11.26 7.21 6.33
N ASP A 274 -12.51 7.01 5.86
CA ASP A 274 -13.68 7.89 6.10
C ASP A 274 -13.39 9.34 5.63
N SER A 275 -12.49 9.48 4.63
CA SER A 275 -12.09 10.81 4.20
C SER A 275 -12.63 11.16 2.83
N GLY A 276 -13.61 12.06 2.78
CA GLY A 276 -14.17 12.54 1.50
C GLY A 276 -15.14 11.66 0.75
N TYR A 277 -15.46 10.47 1.33
CA TYR A 277 -16.43 9.54 0.77
C TYR A 277 -17.18 8.80 1.88
N ALA A 278 -18.41 8.38 1.59
CA ALA A 278 -19.21 7.47 2.42
C ALA A 278 -20.12 6.75 1.43
N TYR A 279 -20.58 5.55 1.79
CA TYR A 279 -21.44 4.78 0.90
C TYR A 279 -22.94 5.04 1.13
N ALA A 280 -23.58 5.79 0.20
CA ALA A 280 -25.03 6.08 0.21
C ALA A 280 -25.66 5.12 -0.79
N ASN A 281 -26.49 4.17 -0.27
CA ASN A 281 -27.06 3.12 -1.11
C ASN A 281 -28.44 3.55 -1.63
N TYR A 282 -28.50 4.13 -2.84
CA TYR A 282 -29.74 4.63 -3.41
C TYR A 282 -30.77 3.52 -3.74
N SER A 283 -30.33 2.25 -3.96
CA SER A 283 -31.25 1.13 -4.18
C SER A 283 -32.10 0.85 -2.91
N ALA A 284 -31.65 1.34 -1.74
CA ALA A 284 -32.36 1.18 -0.48
C ALA A 284 -33.02 2.50 -0.02
N ALA A 285 -33.08 3.52 -0.91
CA ALA A 285 -33.71 4.81 -0.62
C ALA A 285 -35.24 4.69 -0.45
N ALA A 286 -35.86 5.67 0.23
CA ALA A 286 -37.32 5.65 0.48
C ALA A 286 -38.15 5.62 -0.81
N ASN A 287 -37.73 6.37 -1.84
CA ASN A 287 -38.43 6.44 -3.13
C ASN A 287 -37.51 7.05 -4.22
N LYS A 288 -37.93 6.98 -5.50
CA LYS A 288 -37.12 7.45 -6.62
C LYS A 288 -37.21 8.97 -6.86
N SER A 289 -37.94 9.73 -6.02
CA SER A 289 -37.94 11.18 -6.16
C SER A 289 -36.72 11.77 -5.39
N ILE A 290 -36.03 10.93 -4.59
CA ILE A 290 -34.84 11.33 -3.80
C ILE A 290 -33.69 11.74 -4.75
N LYS A 291 -33.08 12.90 -4.51
CA LYS A 291 -31.96 13.35 -5.33
C LYS A 291 -30.61 12.89 -4.82
N ASP A 292 -29.67 12.65 -5.76
CA ASP A 292 -28.29 12.37 -5.42
C ASP A 292 -27.62 13.76 -5.36
N LEU A 293 -27.25 14.24 -4.15
CA LEU A 293 -26.61 15.56 -4.01
C LEU A 293 -25.21 15.65 -4.68
N ALA A 294 -24.66 14.50 -5.09
CA ALA A 294 -23.35 14.37 -5.78
C ALA A 294 -22.19 14.96 -4.91
N GLN A 295 -22.30 14.73 -3.59
CA GLN A 295 -21.31 15.13 -2.58
C GLN A 295 -20.47 13.94 -2.14
N ASN A 296 -20.45 12.87 -2.97
CA ASN A 296 -19.63 11.66 -2.69
C ASN A 296 -20.05 10.96 -1.38
N GLY A 297 -21.29 11.17 -0.95
CA GLY A 297 -21.81 10.59 0.29
C GLY A 297 -21.39 11.34 1.56
N VAL A 298 -20.57 12.41 1.44
CA VAL A 298 -20.14 13.26 2.57
C VAL A 298 -21.40 13.94 3.18
N LYS A 299 -22.28 14.44 2.29
CA LYS A 299 -23.59 15.00 2.61
C LYS A 299 -24.60 14.27 1.72
N VAL A 300 -25.75 13.86 2.29
CA VAL A 300 -26.77 13.18 1.48
C VAL A 300 -28.12 13.83 1.71
N ALA A 301 -29.07 13.63 0.77
CA ALA A 301 -30.45 14.12 0.95
C ALA A 301 -31.13 13.17 1.93
N ALA A 302 -32.23 13.59 2.52
CA ALA A 302 -33.02 12.74 3.40
C ALA A 302 -33.61 11.54 2.61
N GLY A 303 -33.71 10.40 3.28
CA GLY A 303 -34.33 9.21 2.70
C GLY A 303 -33.40 8.21 2.07
N VAL A 304 -32.08 8.39 2.22
CA VAL A 304 -31.13 7.44 1.64
C VAL A 304 -30.21 6.85 2.72
N PRO A 305 -30.15 5.51 2.87
CA PRO A 305 -29.25 4.94 3.89
C PRO A 305 -27.79 5.27 3.54
N VAL A 306 -26.98 5.58 4.57
CA VAL A 306 -25.59 5.94 4.34
C VAL A 306 -24.69 5.33 5.44
N THR A 307 -23.55 4.76 5.05
CA THR A 307 -22.61 4.07 5.94
C THR A 307 -21.18 4.58 5.77
N LYS A 308 -20.48 4.76 6.89
CA LYS A 308 -19.07 5.15 6.83
C LYS A 308 -18.25 3.97 6.25
N GLU A 309 -17.12 4.28 5.62
CA GLU A 309 -16.20 3.26 5.13
C GLU A 309 -15.73 2.35 6.30
N SER A 310 -15.45 2.95 7.47
CA SER A 310 -14.98 2.24 8.67
C SER A 310 -16.05 1.32 9.29
N GLU A 311 -17.33 1.46 8.88
CA GLU A 311 -18.42 0.61 9.41
C GLU A 311 -18.70 -0.63 8.56
N TRP A 312 -18.03 -0.76 7.40
CA TRP A 312 -18.25 -1.90 6.51
C TRP A 312 -17.80 -3.23 7.13
N THR A 313 -18.63 -4.29 7.02
CA THR A 313 -18.36 -5.61 7.63
C THR A 313 -17.64 -6.62 6.68
N GLY A 314 -17.21 -6.17 5.51
CA GLY A 314 -16.50 -7.00 4.53
C GLY A 314 -15.17 -7.57 4.97
N LYS A 315 -14.75 -8.66 4.28
CA LYS A 315 -13.56 -9.47 4.55
CA LYS A 315 -13.52 -9.39 4.57
C LYS A 315 -12.52 -9.38 3.41
N ASN A 316 -11.22 -9.59 3.73
CA ASN A 316 -10.09 -9.60 2.80
C ASN A 316 -9.95 -8.29 2.01
N PHE A 317 -10.20 -7.17 2.68
CA PHE A 317 -10.10 -5.85 2.04
C PHE A 317 -8.65 -5.51 1.72
N VAL A 318 -8.41 -5.13 0.44
CA VAL A 318 -7.09 -4.76 -0.10
C VAL A 318 -7.11 -3.27 -0.48
N PRO A 319 -6.32 -2.44 0.24
CA PRO A 319 -6.26 -1.01 -0.08
C PRO A 319 -5.44 -0.73 -1.34
N PRO A 320 -5.66 0.43 -2.01
CA PRO A 320 -4.84 0.73 -3.21
C PRO A 320 -3.37 1.08 -2.90
N LEU A 321 -2.48 0.92 -3.89
CA LEU A 321 -1.09 1.36 -3.76
C LEU A 321 -1.06 2.90 -3.84
N LYS A 322 -1.98 3.50 -4.62
CA LYS A 322 -1.98 4.97 -4.77
C LYS A 322 -3.40 5.44 -5.09
N THR A 323 -3.78 6.61 -4.60
CA THR A 323 -5.08 7.20 -4.92
C THR A 323 -4.87 8.52 -5.66
N LEU A 324 -5.67 8.73 -6.71
CA LEU A 324 -5.67 9.96 -7.50
C LEU A 324 -7.11 10.52 -7.57
N TYR A 325 -7.57 11.22 -6.52
CA TYR A 325 -6.83 11.64 -5.34
C TYR A 325 -7.68 11.49 -4.07
N THR A 326 -7.04 11.58 -2.90
CA THR A 326 -7.76 11.51 -1.62
C THR A 326 -7.90 12.94 -1.08
N VAL A 327 -9.10 13.27 -0.60
CA VAL A 327 -9.42 14.60 -0.08
C VAL A 327 -10.14 14.49 1.26
N GLN A 328 -10.16 15.58 2.00
CA GLN A 328 -10.82 15.63 3.30
C GLN A 328 -12.31 16.00 3.15
N ASP A 329 -13.11 15.80 4.23
CA ASP A 329 -14.55 16.09 4.22
C ASP A 329 -14.92 17.54 3.90
N THR A 330 -13.98 18.47 4.12
CA THR A 330 -14.16 19.91 3.83
C THR A 330 -14.02 20.24 2.33
N TYR A 331 -13.64 19.28 1.49
CA TYR A 331 -13.44 19.53 0.05
C TYR A 331 -14.73 20.01 -0.64
N ASN A 332 -14.61 20.99 -1.55
CA ASN A 332 -15.77 21.52 -2.27
C ASN A 332 -16.02 20.73 -3.56
N TYR A 333 -17.10 19.94 -3.59
CA TYR A 333 -17.49 19.15 -4.78
C TYR A 333 -18.38 19.95 -5.73
N ASN A 334 -18.65 21.22 -5.42
CA ASN A 334 -19.49 22.08 -6.23
C ASN A 334 -18.69 23.28 -6.75
N ASP A 335 -17.58 23.02 -7.45
CA ASP A 335 -16.73 24.08 -8.03
C ASP A 335 -17.41 24.69 -9.27
N PRO A 336 -17.84 25.97 -9.23
CA PRO A 336 -18.54 26.55 -10.39
C PRO A 336 -17.66 26.84 -11.61
N THR A 337 -16.32 26.78 -11.43
CA THR A 337 -15.37 27.11 -12.49
C THR A 337 -15.42 26.07 -13.65
N CYS A 338 -16.09 24.91 -13.43
CA CYS A 338 -16.29 23.89 -14.46
C CYS A 338 -17.69 23.98 -15.14
N GLY A 339 -18.46 25.01 -14.81
CA GLY A 339 -19.79 25.23 -15.38
C GLY A 339 -20.75 24.10 -15.09
N GLU A 340 -21.46 23.61 -16.12
CA GLU A 340 -22.38 22.49 -15.95
C GLU A 340 -21.65 21.16 -15.82
N MET A 341 -20.37 21.08 -16.26
CA MET A 341 -19.57 19.84 -16.23
C MET A 341 -18.78 19.75 -14.92
N THR A 342 -19.52 19.82 -13.79
CA THR A 342 -19.01 19.81 -12.41
C THR A 342 -18.01 18.69 -12.14
N TYR A 343 -18.28 17.48 -12.69
CA TYR A 343 -17.42 16.30 -12.54
C TYR A 343 -15.97 16.51 -13.00
N ILE A 344 -15.72 17.43 -13.97
CA ILE A 344 -14.36 17.69 -14.46
C ILE A 344 -13.49 18.31 -13.37
N CYS A 345 -14.10 19.09 -12.46
CA CYS A 345 -13.40 19.75 -11.36
C CYS A 345 -13.15 18.84 -10.15
N TRP A 346 -13.80 17.67 -10.10
CA TRP A 346 -13.63 16.73 -9.00
C TRP A 346 -12.17 16.23 -8.89
N PRO A 347 -11.72 15.91 -7.66
CA PRO A 347 -10.33 15.45 -7.46
C PRO A 347 -10.04 14.00 -7.91
N THR A 348 -10.18 13.76 -9.20
CA THR A 348 -9.91 12.50 -9.89
C THR A 348 -9.21 12.83 -11.22
N VAL A 349 -8.70 11.78 -11.89
CA VAL A 349 -8.00 11.91 -13.16
C VAL A 349 -8.63 11.05 -14.27
N ALA A 350 -9.55 10.13 -13.90
CA ALA A 350 -10.20 9.18 -14.81
C ALA A 350 -9.14 8.35 -15.61
N PRO A 351 -8.38 7.46 -14.92
CA PRO A 351 -7.42 6.59 -15.65
C PRO A 351 -8.17 5.68 -16.63
N SER A 352 -7.66 5.59 -17.84
CA SER A 352 -8.28 4.83 -18.91
C SER A 352 -7.55 3.50 -19.23
N SER A 353 -6.31 3.35 -18.73
CA SER A 353 -5.50 2.16 -18.97
C SER A 353 -4.35 2.07 -17.95
N ALA A 354 -3.47 1.11 -18.13
CA ALA A 354 -2.29 0.92 -17.27
C ALA A 354 -1.30 0.13 -18.09
N TYR A 355 -0.06 0.63 -18.21
CA TYR A 355 0.94 -0.01 -19.06
C TYR A 355 2.27 -0.07 -18.36
N VAL A 356 2.85 -1.27 -18.31
CA VAL A 356 4.16 -1.49 -17.68
C VAL A 356 5.25 -1.24 -18.73
N TYR A 357 6.06 -0.20 -18.50
CA TYR A 357 7.16 0.17 -19.40
C TYR A 357 8.24 -0.93 -19.36
N LYS A 358 8.58 -1.51 -20.51
CA LYS A 358 9.53 -2.64 -20.57
C LYS A 358 11.01 -2.26 -20.79
N GLY A 359 11.28 -0.99 -21.09
CA GLY A 359 12.63 -0.53 -21.37
C GLY A 359 13.00 -0.91 -22.79
N GLY A 360 14.30 -1.11 -23.02
CA GLY A 360 14.82 -1.48 -24.33
C GLY A 360 16.16 -0.82 -24.58
N LYS A 361 16.74 -1.10 -25.74
CA LYS A 361 18.06 -0.58 -26.11
C LYS A 361 18.14 0.96 -26.21
N LYS A 362 17.00 1.64 -26.39
CA LYS A 362 16.96 3.12 -26.44
C LYS A 362 16.05 3.66 -25.32
N ALA A 363 15.92 2.92 -24.18
CA ALA A 363 15.06 3.31 -23.06
C ALA A 363 15.30 4.73 -22.56
N ILE A 364 14.22 5.39 -22.12
CA ILE A 364 14.25 6.75 -21.60
C ILE A 364 14.88 6.75 -20.19
N THR A 365 15.90 7.62 -19.98
CA THR A 365 16.61 7.74 -18.70
C THR A 365 15.66 7.97 -17.53
N GLY A 366 15.76 7.08 -16.55
CA GLY A 366 14.96 7.12 -15.32
C GLY A 366 13.57 6.51 -15.39
N TRP A 367 13.20 5.90 -16.53
CA TRP A 367 11.86 5.29 -16.68
C TRP A 367 11.82 3.80 -16.31
N GLU A 368 12.93 3.26 -15.79
CA GLU A 368 12.93 1.85 -15.37
C GLU A 368 11.86 1.63 -14.29
N ASN A 369 11.21 0.45 -14.29
CA ASN A 369 10.23 0.10 -13.24
C ASN A 369 9.05 1.09 -13.13
N THR A 370 8.60 1.65 -14.28
CA THR A 370 7.47 2.59 -14.25
C THR A 370 6.22 1.99 -14.85
N LEU A 371 5.08 2.53 -14.42
CA LEU A 371 3.75 2.23 -14.91
C LEU A 371 3.24 3.53 -15.54
N LEU A 372 2.73 3.47 -16.78
CA LEU A 372 2.19 4.63 -17.47
C LEU A 372 0.67 4.54 -17.43
N VAL A 373 0.00 5.61 -17.00
CA VAL A 373 -1.45 5.63 -16.80
C VAL A 373 -2.03 6.86 -17.50
N PRO A 374 -2.71 6.65 -18.66
CA PRO A 374 -3.34 7.78 -19.36
C PRO A 374 -4.54 8.33 -18.57
N SER A 375 -4.76 9.63 -18.67
CA SER A 375 -5.85 10.33 -18.01
C SER A 375 -6.82 10.91 -19.05
N LEU A 376 -8.12 10.63 -18.88
CA LEU A 376 -9.14 11.13 -19.80
C LEU A 376 -9.52 12.57 -19.50
N LYS A 377 -9.76 12.89 -18.23
CA LYS A 377 -10.27 14.22 -17.90
C LYS A 377 -9.20 15.31 -17.72
N ARG A 378 -7.91 14.93 -17.59
CA ARG A 378 -6.82 15.91 -17.41
CA ARG A 378 -6.81 15.88 -17.40
C ARG A 378 -5.96 16.08 -18.65
N GLY A 379 -6.09 15.17 -19.61
CA GLY A 379 -5.31 15.25 -20.84
C GLY A 379 -3.82 15.15 -20.58
N VAL A 380 -3.42 14.18 -19.73
CA VAL A 380 -2.02 13.88 -19.42
C VAL A 380 -1.80 12.36 -19.44
N ILE A 381 -0.54 11.94 -19.54
CA ILE A 381 -0.18 10.54 -19.34
C ILE A 381 0.66 10.56 -18.04
N PHE A 382 0.23 9.84 -17.00
CA PHE A 382 1.01 9.81 -15.75
C PHE A 382 2.12 8.79 -15.82
N ARG A 383 3.28 9.11 -15.21
CA ARG A 383 4.37 8.18 -15.06
C ARG A 383 4.45 7.90 -13.55
N ILE A 384 4.31 6.63 -13.18
CA ILE A 384 4.34 6.18 -11.79
C ILE A 384 5.51 5.23 -11.59
N LYS A 385 6.47 5.63 -10.76
CA LYS A 385 7.61 4.77 -10.46
C LYS A 385 7.21 3.72 -9.39
N LEU A 386 7.77 2.51 -9.51
CA LEU A 386 7.67 1.46 -8.51
C LEU A 386 9.12 1.01 -8.21
N ASP A 387 9.30 0.23 -7.14
CA ASP A 387 10.63 -0.34 -6.86
C ASP A 387 10.86 -1.47 -7.91
N PRO A 388 12.09 -2.03 -8.05
CA PRO A 388 12.34 -3.06 -9.08
C PRO A 388 11.51 -4.35 -8.98
N THR A 389 10.92 -4.63 -7.79
CA THR A 389 10.10 -5.83 -7.61
C THR A 389 8.61 -5.53 -7.79
N TYR A 390 8.23 -4.26 -8.09
CA TYR A 390 6.83 -3.84 -8.27
C TYR A 390 6.01 -4.18 -6.99
N SER A 391 6.61 -3.94 -5.80
CA SER A 391 5.92 -4.21 -4.51
C SER A 391 5.29 -2.94 -3.92
N THR A 392 5.81 -1.78 -4.32
CA THR A 392 5.31 -0.49 -3.85
C THR A 392 5.51 0.57 -4.93
N THR A 393 4.72 1.66 -4.86
CA THR A 393 5.04 2.80 -5.70
C THR A 393 6.16 3.58 -4.97
N TYR A 394 6.90 4.40 -5.73
CA TYR A 394 7.89 5.34 -5.24
C TYR A 394 7.35 6.71 -5.65
N ASP A 395 7.30 7.63 -4.68
CA ASP A 395 6.91 9.03 -4.91
C ASP A 395 5.51 9.17 -5.54
N ASP A 396 5.30 10.15 -6.42
CA ASP A 396 3.95 10.49 -6.91
C ASP A 396 3.69 10.16 -8.37
N ALA A 397 2.46 10.43 -8.83
CA ALA A 397 2.13 10.26 -10.25
C ALA A 397 2.50 11.55 -11.00
N VAL A 398 3.52 11.46 -11.87
CA VAL A 398 4.09 12.58 -12.63
C VAL A 398 3.31 12.80 -13.95
N PRO A 399 2.62 13.97 -14.12
CA PRO A 399 1.90 14.20 -15.38
C PRO A 399 2.87 14.52 -16.53
N MET A 400 2.49 14.07 -17.74
CA MET A 400 3.26 14.29 -18.96
C MET A 400 2.32 14.58 -20.14
N PHE A 401 2.84 15.23 -21.20
CA PHE A 401 2.14 15.47 -22.46
C PHE A 401 0.80 16.21 -22.33
N LYS A 402 0.72 17.25 -21.47
CA LYS A 402 -0.52 18.00 -21.30
C LYS A 402 -1.03 18.54 -22.63
N SER A 403 -2.30 18.23 -22.96
CA SER A 403 -2.98 18.69 -24.17
CA SER A 403 -2.99 18.72 -24.16
C SER A 403 -4.50 18.66 -23.93
N ASN A 404 -5.28 19.34 -24.80
CA ASN A 404 -6.74 19.30 -24.68
C ASN A 404 -7.21 18.05 -25.44
N ASN A 405 -6.87 16.87 -24.88
CA ASN A 405 -7.19 15.54 -25.43
C ASN A 405 -7.58 14.60 -24.32
N ARG A 406 -8.43 13.63 -24.65
CA ARG A 406 -8.79 12.61 -23.66
C ARG A 406 -7.91 11.40 -23.99
N TYR A 407 -6.84 11.15 -23.20
CA TYR A 407 -5.93 10.02 -23.47
C TYR A 407 -6.55 8.69 -23.08
N ARG A 408 -6.67 7.80 -24.07
CA ARG A 408 -7.37 6.51 -23.96
C ARG A 408 -6.48 5.27 -23.74
N ASP A 409 -5.28 5.24 -24.34
CA ASP A 409 -4.37 4.12 -24.17
C ASP A 409 -2.96 4.54 -24.53
N VAL A 410 -1.97 3.77 -24.07
CA VAL A 410 -0.55 4.03 -24.30
C VAL A 410 0.25 2.72 -24.36
N ILE A 411 1.25 2.69 -25.25
CA ILE A 411 2.25 1.61 -25.38
C ILE A 411 3.57 2.30 -25.72
N ALA A 412 4.67 1.54 -25.66
CA ALA A 412 5.96 2.05 -26.09
C ALA A 412 6.50 1.07 -27.13
N SER A 413 7.39 1.55 -27.99
CA SER A 413 8.06 0.71 -29.00
C SER A 413 9.06 -0.25 -28.29
N PRO A 414 9.47 -1.37 -28.94
CA PRO A 414 10.44 -2.27 -28.28
C PRO A 414 11.74 -1.60 -27.84
N ASP A 415 12.28 -0.63 -28.62
CA ASP A 415 13.51 0.05 -28.17
C ASP A 415 13.27 0.98 -26.99
N GLY A 416 12.03 1.39 -26.78
CA GLY A 416 11.60 2.17 -25.62
C GLY A 416 11.67 3.69 -25.72
N ASN A 417 12.10 4.24 -26.86
CA ASN A 417 12.25 5.70 -27.03
C ASN A 417 11.04 6.37 -27.68
N VAL A 418 10.07 5.56 -28.13
CA VAL A 418 8.86 6.05 -28.76
C VAL A 418 7.63 5.58 -27.97
N LEU A 419 6.69 6.50 -27.70
CA LEU A 419 5.42 6.19 -27.07
C LEU A 419 4.32 6.38 -28.12
N TYR A 420 3.32 5.50 -28.12
CA TYR A 420 2.14 5.58 -29.01
C TYR A 420 0.93 5.71 -28.12
N VAL A 421 0.07 6.68 -28.42
CA VAL A 421 -1.11 6.98 -27.60
C VAL A 421 -2.39 7.07 -28.47
N LEU A 422 -3.53 6.62 -27.91
CA LEU A 422 -4.85 6.78 -28.52
C LEU A 422 -5.57 7.94 -27.81
N THR A 423 -6.38 8.70 -28.57
CA THR A 423 -7.17 9.81 -28.00
C THR A 423 -8.64 9.61 -28.37
N ASP A 424 -9.56 9.97 -27.48
CA ASP A 424 -11.00 9.85 -27.75
C ASP A 424 -11.42 10.76 -28.89
N THR A 425 -12.48 10.34 -29.60
CA THR A 425 -13.11 11.06 -30.72
C THR A 425 -13.82 12.32 -30.17
N ALA A 426 -14.46 12.22 -28.99
CA ALA A 426 -15.26 13.32 -28.43
C ALA A 426 -15.36 13.24 -26.92
N GLY A 427 -15.71 14.36 -26.31
CA GLY A 427 -15.90 14.40 -24.86
C GLY A 427 -15.31 15.63 -24.22
N ASN A 428 -15.37 15.67 -22.88
CA ASN A 428 -14.90 16.81 -22.10
C ASN A 428 -13.51 16.61 -21.53
N VAL A 429 -12.71 17.68 -21.47
CA VAL A 429 -11.37 17.63 -20.90
C VAL A 429 -11.06 18.97 -20.22
N GLN A 430 -10.19 18.95 -19.20
CA GLN A 430 -9.75 20.16 -18.51
C GLN A 430 -8.66 20.84 -19.35
N LYS A 431 -8.83 22.16 -19.58
CA LYS A 431 -7.85 22.96 -20.33
C LYS A 431 -6.75 23.38 -19.36
N ASP A 432 -5.69 24.01 -19.89
CA ASP A 432 -4.56 24.54 -19.11
C ASP A 432 -5.04 25.41 -17.93
N ASP A 433 -6.10 26.21 -18.16
CA ASP A 433 -6.69 27.15 -17.21
C ASP A 433 -7.77 26.57 -16.28
N GLY A 434 -7.88 25.23 -16.21
CA GLY A 434 -8.84 24.59 -15.31
C GLY A 434 -10.28 24.51 -15.74
N SER A 435 -10.69 25.30 -16.75
CA SER A 435 -12.05 25.24 -17.26
C SER A 435 -12.22 24.02 -18.20
N VAL A 436 -13.46 23.78 -18.65
CA VAL A 436 -13.83 22.62 -19.47
C VAL A 436 -13.95 22.97 -20.94
N THR A 437 -13.43 22.08 -21.79
CA THR A 437 -13.60 22.19 -23.23
C THR A 437 -14.00 20.84 -23.78
N ASN A 438 -14.79 20.85 -24.85
CA ASN A 438 -15.16 19.67 -25.60
C ASN A 438 -14.58 19.79 -27.02
N THR A 439 -13.71 20.80 -27.24
CA THR A 439 -12.99 21.01 -28.50
C THR A 439 -11.64 20.30 -28.31
N LEU A 440 -11.56 19.08 -28.80
CA LEU A 440 -10.37 18.24 -28.62
C LEU A 440 -9.37 18.52 -29.73
N GLU A 441 -8.11 18.76 -29.33
CA GLU A 441 -7.01 19.08 -30.24
C GLU A 441 -6.78 18.00 -31.31
N ASN A 442 -6.85 16.71 -30.92
CA ASN A 442 -6.62 15.59 -31.84
C ASN A 442 -7.71 14.51 -31.63
N PRO A 443 -8.93 14.72 -32.15
CA PRO A 443 -10.00 13.72 -31.95
C PRO A 443 -9.68 12.38 -32.63
N GLY A 444 -9.97 11.29 -31.92
CA GLY A 444 -9.80 9.91 -32.41
C GLY A 444 -8.48 9.70 -33.12
N SER A 445 -7.37 9.96 -32.43
CA SER A 445 -6.07 9.87 -33.09
C SER A 445 -5.12 8.83 -32.50
N LEU A 446 -4.16 8.39 -33.33
CA LEU A 446 -3.02 7.56 -32.94
C LEU A 446 -1.86 8.57 -33.05
N ILE A 447 -1.26 8.91 -31.90
CA ILE A 447 -0.18 9.90 -31.80
C ILE A 447 1.13 9.25 -31.35
N LYS A 448 2.25 9.71 -31.92
CA LYS A 448 3.60 9.23 -31.65
C LYS A 448 4.41 10.31 -30.91
N PHE A 449 5.05 9.95 -29.78
CA PHE A 449 5.94 10.84 -29.04
C PHE A 449 7.33 10.21 -29.06
N THR A 450 8.29 10.86 -29.75
CA THR A 450 9.66 10.34 -29.88
C THR A 450 10.60 11.13 -28.98
N TYR A 451 11.32 10.41 -28.09
CA TYR A 451 12.27 11.04 -27.16
C TYR A 451 13.40 11.76 -27.92
N LYS A 452 13.68 13.01 -27.56
CA LYS A 452 14.72 13.81 -28.23
C LYS A 452 15.82 14.31 -27.28
N ASP B 1 -5.76 3.73 8.69
CA ASP B 1 -7.05 3.36 9.29
C ASP B 1 -7.60 4.43 10.25
N VAL B 2 -8.91 4.35 10.52
CA VAL B 2 -9.67 5.25 11.42
C VAL B 2 -9.50 4.75 12.87
N PRO B 3 -9.29 5.69 13.84
CA PRO B 3 -9.10 5.24 15.24
C PRO B 3 -10.28 4.50 15.84
N LEU B 4 -9.97 3.48 16.67
CA LEU B 4 -10.97 2.75 17.43
C LEU B 4 -11.27 3.62 18.65
N THR B 5 -12.48 3.52 19.21
CA THR B 5 -12.87 4.29 20.38
C THR B 5 -12.46 3.54 21.66
N PRO B 6 -12.50 4.19 22.86
CA PRO B 6 -12.21 3.46 24.11
C PRO B 6 -13.12 2.24 24.32
N SER B 7 -14.42 2.31 23.94
CA SER B 7 -15.37 1.20 24.11
C SER B 7 -15.02 0.00 23.23
N GLN B 8 -14.48 0.25 22.03
CA GLN B 8 -14.07 -0.84 21.12
C GLN B 8 -12.81 -1.53 21.66
N PHE B 9 -11.86 -0.76 22.26
CA PHE B 9 -10.67 -1.34 22.89
C PHE B 9 -11.08 -2.16 24.12
N ALA B 10 -12.01 -1.62 24.94
CA ALA B 10 -12.47 -2.28 26.17
C ALA B 10 -13.12 -3.65 25.94
N LYS B 11 -13.81 -3.82 24.80
CA LYS B 11 -14.48 -5.08 24.47
C LYS B 11 -13.53 -6.19 24.01
N ALA B 12 -12.29 -5.83 23.64
CA ALA B 12 -11.26 -6.75 23.13
C ALA B 12 -10.58 -7.56 24.23
N LYS B 13 -11.36 -8.29 25.04
CA LYS B 13 -10.83 -9.02 26.21
C LYS B 13 -10.23 -10.40 25.89
N SER B 14 -10.57 -11.00 24.74
CA SER B 14 -10.02 -12.29 24.30
C SER B 14 -10.30 -13.41 25.28
N GLU B 15 -11.59 -13.69 25.47
CA GLU B 15 -12.13 -14.74 26.33
C GLU B 15 -11.72 -16.15 25.85
N ASN B 16 -11.27 -16.30 24.58
CA ASN B 16 -10.78 -17.56 23.99
C ASN B 16 -9.38 -17.97 24.53
N PHE B 17 -8.79 -17.24 25.50
CA PHE B 17 -7.47 -17.63 26.01
C PHE B 17 -7.40 -17.70 27.52
N ASP B 18 -6.54 -18.60 28.03
CA ASP B 18 -6.25 -18.70 29.45
C ASP B 18 -4.98 -17.85 29.65
N LYS B 19 -4.94 -17.05 30.73
CA LYS B 19 -3.79 -16.19 31.05
C LYS B 19 -3.04 -16.74 32.25
N LYS B 20 -1.71 -16.82 32.16
CA LYS B 20 -0.89 -17.28 33.27
C LYS B 20 0.35 -16.41 33.38
N VAL B 21 0.53 -15.73 34.54
CA VAL B 21 1.71 -14.90 34.71
C VAL B 21 2.89 -15.78 35.12
N ILE B 22 3.95 -15.79 34.29
CA ILE B 22 5.15 -16.60 34.57
C ILE B 22 6.14 -15.87 35.53
N LEU B 23 6.39 -14.58 35.29
CA LEU B 23 7.31 -13.76 36.07
C LEU B 23 6.78 -12.34 36.12
N SER B 24 7.08 -11.62 37.18
CA SER B 24 6.77 -10.19 37.32
C SER B 24 7.93 -9.53 38.00
N ASN B 25 7.93 -8.19 38.01
CA ASN B 25 8.95 -7.34 38.60
C ASN B 25 10.28 -7.43 37.87
N LEU B 26 10.26 -7.76 36.56
CA LEU B 26 11.46 -7.74 35.73
C LEU B 26 11.84 -6.27 35.57
N ASN B 27 13.13 -6.01 35.42
CA ASN B 27 13.64 -4.64 35.33
C ASN B 27 13.72 -4.19 33.87
N LYS B 28 12.63 -3.56 33.40
CA LYS B 28 12.45 -3.05 32.03
C LYS B 28 12.69 -4.18 30.99
N PRO B 29 11.89 -5.28 31.09
CA PRO B 29 12.04 -6.40 30.12
C PRO B 29 11.81 -5.88 28.71
N HIS B 30 12.65 -6.26 27.74
CA HIS B 30 12.55 -5.60 26.43
C HIS B 30 12.33 -6.52 25.24
N ALA B 31 13.29 -7.41 24.94
CA ALA B 31 13.18 -8.35 23.82
C ALA B 31 12.93 -9.74 24.32
N LEU B 32 12.11 -10.48 23.57
CA LEU B 32 11.67 -11.84 23.88
C LEU B 32 11.95 -12.74 22.67
N LEU B 33 12.60 -13.91 22.85
CA LEU B 33 12.88 -14.83 21.74
C LEU B 33 12.66 -16.29 22.08
N TRP B 34 12.25 -17.09 21.09
CA TRP B 34 12.18 -18.54 21.27
C TRP B 34 13.58 -19.03 20.84
N GLY B 35 14.33 -19.58 21.79
CA GLY B 35 15.71 -19.97 21.59
C GLY B 35 15.97 -21.26 20.82
N PRO B 36 17.24 -21.47 20.37
CA PRO B 36 17.60 -22.71 19.66
C PRO B 36 17.49 -23.99 20.50
N ASP B 37 17.53 -23.83 21.83
CA ASP B 37 17.40 -24.84 22.88
C ASP B 37 15.94 -25.04 23.33
N ASN B 38 14.97 -24.46 22.58
CA ASN B 38 13.52 -24.52 22.90
C ASN B 38 13.17 -23.92 24.29
N GLN B 39 13.96 -22.95 24.72
CA GLN B 39 13.74 -22.22 25.96
C GLN B 39 13.42 -20.76 25.58
N ILE B 40 12.81 -20.00 26.50
CA ILE B 40 12.46 -18.62 26.21
C ILE B 40 13.61 -17.73 26.70
N TRP B 41 14.15 -16.86 25.83
CA TRP B 41 15.20 -15.95 26.22
C TRP B 41 14.64 -14.54 26.22
N LEU B 42 15.06 -13.73 27.18
CA LEU B 42 14.57 -12.35 27.27
C LEU B 42 15.64 -11.41 27.82
N THR B 43 15.55 -10.11 27.49
CA THR B 43 16.53 -9.16 28.01
C THR B 43 15.93 -8.18 29.01
N GLU B 44 16.79 -7.60 29.88
CA GLU B 44 16.43 -6.50 30.76
C GLU B 44 17.20 -5.31 30.18
N ARG B 45 16.49 -4.31 29.63
CA ARG B 45 17.11 -3.14 29.01
C ARG B 45 17.95 -2.32 30.00
N ALA B 46 17.45 -2.14 31.23
CA ALA B 46 18.07 -1.34 32.28
C ALA B 46 19.37 -1.92 32.85
N THR B 47 19.41 -3.26 33.04
CA THR B 47 20.53 -3.96 33.66
C THR B 47 21.52 -4.62 32.70
N GLY B 48 21.08 -4.88 31.47
CA GLY B 48 21.90 -5.59 30.50
C GLY B 48 21.91 -7.09 30.74
N LYS B 49 20.96 -7.59 31.56
CA LYS B 49 20.82 -9.01 31.83
C LYS B 49 20.09 -9.75 30.70
N ILE B 50 20.57 -10.97 30.42
CA ILE B 50 20.03 -11.90 29.43
C ILE B 50 19.59 -13.11 30.25
N LEU B 51 18.27 -13.31 30.29
CA LEU B 51 17.61 -14.32 31.10
C LEU B 51 17.09 -15.45 30.22
N ARG B 52 17.06 -16.67 30.76
CA ARG B 52 16.50 -17.84 30.08
C ARG B 52 15.45 -18.48 31.00
N VAL B 53 14.25 -18.71 30.45
CA VAL B 53 13.08 -19.28 31.15
C VAL B 53 12.72 -20.64 30.56
N ASN B 54 12.56 -21.64 31.44
CA ASN B 54 12.15 -22.98 31.03
C ASN B 54 10.62 -22.93 30.78
N PRO B 55 10.12 -23.18 29.53
CA PRO B 55 8.67 -23.09 29.30
C PRO B 55 7.82 -24.09 30.12
N GLU B 56 8.37 -25.27 30.45
CA GLU B 56 7.66 -26.29 31.22
C GLU B 56 7.43 -25.90 32.69
N SER B 57 8.48 -25.44 33.39
CA SER B 57 8.42 -25.10 34.81
C SER B 57 8.20 -23.61 35.12
N GLY B 58 8.75 -22.73 34.29
CA GLY B 58 8.66 -21.29 34.52
C GLY B 58 9.83 -20.77 35.35
N SER B 59 10.85 -21.64 35.56
CA SER B 59 12.07 -21.29 36.29
C SER B 59 12.93 -20.41 35.38
N VAL B 60 13.60 -19.41 35.97
CA VAL B 60 14.44 -18.46 35.24
C VAL B 60 15.91 -18.51 35.73
N LYS B 61 16.86 -18.33 34.80
CA LYS B 61 18.29 -18.24 35.05
C LYS B 61 18.89 -16.99 34.38
N THR B 62 19.72 -16.22 35.11
CA THR B 62 20.45 -15.09 34.53
C THR B 62 21.67 -15.71 33.82
N VAL B 63 21.63 -15.78 32.49
CA VAL B 63 22.70 -16.40 31.71
C VAL B 63 23.95 -15.52 31.65
N PHE B 64 23.75 -14.22 31.43
CA PHE B 64 24.85 -13.28 31.28
C PHE B 64 24.35 -11.88 31.61
N GLN B 65 25.30 -11.00 31.96
CA GLN B 65 25.00 -9.60 32.16
C GLN B 65 26.02 -8.83 31.32
N VAL B 66 25.54 -8.11 30.28
CA VAL B 66 26.42 -7.33 29.41
C VAL B 66 27.06 -6.21 30.26
N PRO B 67 28.39 -6.22 30.44
CA PRO B 67 29.02 -5.19 31.30
C PRO B 67 28.95 -3.77 30.73
N GLU B 68 28.94 -2.77 31.64
CA GLU B 68 29.02 -1.33 31.33
C GLU B 68 27.89 -0.78 30.45
N ILE B 69 26.70 -1.41 30.48
CA ILE B 69 25.55 -0.88 29.75
C ILE B 69 25.13 0.41 30.44
N VAL B 70 24.85 1.48 29.67
CA VAL B 70 24.42 2.76 30.20
C VAL B 70 22.90 2.87 30.03
N ASN B 71 22.20 3.16 31.12
CA ASN B 71 20.76 3.34 31.09
C ASN B 71 20.38 4.50 32.01
N ASP B 72 19.55 5.42 31.50
CA ASP B 72 19.07 6.54 32.32
C ASP B 72 17.63 6.23 32.72
N ALA B 73 17.25 6.58 33.96
CA ALA B 73 15.90 6.34 34.49
C ALA B 73 14.81 7.05 33.66
N ASP B 74 15.19 8.16 32.98
CA ASP B 74 14.30 8.94 32.11
C ASP B 74 14.68 8.73 30.62
N GLY B 75 15.27 7.58 30.31
CA GLY B 75 15.71 7.30 28.94
C GLY B 75 15.28 5.94 28.42
N GLN B 76 15.27 5.79 27.09
CA GLN B 76 14.92 4.53 26.43
C GLN B 76 16.21 3.81 25.95
N ASN B 77 17.35 4.18 26.55
CA ASN B 77 18.64 3.59 26.20
C ASN B 77 18.90 2.34 27.10
N GLY B 78 20.00 1.64 26.84
CA GLY B 78 20.42 0.45 27.60
C GLY B 78 20.77 -0.70 26.67
N LEU B 79 20.37 -1.94 27.06
CA LEU B 79 20.55 -3.14 26.22
C LEU B 79 19.36 -3.21 25.29
N LEU B 80 19.62 -3.24 23.98
CA LEU B 80 18.57 -3.17 22.96
C LEU B 80 18.48 -4.39 22.05
N GLY B 81 19.32 -4.43 21.00
CA GLY B 81 19.33 -5.52 20.03
C GLY B 81 19.66 -6.85 20.69
N PHE B 82 19.03 -7.93 20.19
CA PHE B 82 19.21 -9.29 20.71
C PHE B 82 18.70 -10.31 19.67
N ALA B 83 19.62 -11.15 19.16
CA ALA B 83 19.27 -12.19 18.17
C ALA B 83 20.28 -13.32 18.23
N PHE B 84 19.85 -14.54 17.83
CA PHE B 84 20.73 -15.70 17.75
C PHE B 84 21.18 -15.89 16.29
N HIS B 85 22.36 -16.47 16.06
CA HIS B 85 22.75 -16.84 14.68
C HIS B 85 21.75 -17.94 14.22
N PRO B 86 21.21 -17.89 12.96
CA PRO B 86 20.22 -18.90 12.53
C PRO B 86 20.70 -20.35 12.43
N ASP B 87 22.02 -20.59 12.27
CA ASP B 87 22.60 -21.95 12.24
C ASP B 87 23.45 -22.04 13.52
N PHE B 88 22.77 -21.98 14.69
N PHE B 88 22.76 -21.99 14.66
CA PHE B 88 23.38 -21.94 16.01
CA PHE B 88 23.24 -22.00 16.03
C PHE B 88 24.22 -23.17 16.36
C PHE B 88 24.16 -23.17 16.38
N LYS B 89 23.83 -24.38 15.88
CA LYS B 89 24.60 -25.63 16.11
C LYS B 89 26.03 -25.59 15.55
N ASN B 90 26.24 -24.85 14.46
CA ASN B 90 27.54 -24.70 13.82
C ASN B 90 28.15 -23.33 14.06
N ASN B 91 27.30 -22.37 14.51
CA ASN B 91 27.68 -20.97 14.73
C ASN B 91 27.01 -20.48 16.02
N PRO B 92 27.53 -20.85 17.22
CA PRO B 92 26.86 -20.45 18.48
C PRO B 92 27.09 -18.98 18.87
N TYR B 93 26.53 -18.06 18.07
CA TYR B 93 26.71 -16.64 18.34
C TYR B 93 25.44 -15.92 18.70
N ILE B 94 25.56 -14.94 19.59
CA ILE B 94 24.47 -14.06 20.02
C ILE B 94 24.89 -12.63 19.65
N TYR B 95 24.00 -11.91 18.96
CA TYR B 95 24.30 -10.54 18.50
C TYR B 95 23.42 -9.60 19.29
N ILE B 96 24.03 -8.54 19.83
CA ILE B 96 23.31 -7.57 20.64
C ILE B 96 23.66 -6.14 20.20
N SER B 97 22.87 -5.17 20.65
CA SER B 97 23.20 -3.76 20.54
C SER B 97 22.98 -3.16 21.93
N GLY B 98 23.74 -2.14 22.24
CA GLY B 98 23.64 -1.51 23.55
C GLY B 98 24.24 -0.13 23.58
N THR B 99 23.83 0.62 24.60
CA THR B 99 24.29 1.98 24.88
C THR B 99 25.54 1.84 25.75
N PHE B 100 26.64 2.42 25.28
CA PHE B 100 27.91 2.43 26.03
C PHE B 100 28.48 3.85 26.02
N LYS B 101 29.35 4.16 26.98
CA LYS B 101 30.02 5.45 27.02
C LYS B 101 30.86 5.67 25.73
N ASN B 102 30.91 6.92 25.25
CA ASN B 102 31.73 7.28 24.11
C ASN B 102 32.90 8.13 24.67
N PRO B 103 34.09 7.52 24.87
CA PRO B 103 35.22 8.28 25.45
C PRO B 103 35.70 9.46 24.61
N LYS B 104 35.40 9.46 23.31
CA LYS B 104 35.76 10.52 22.37
C LYS B 104 34.67 11.60 22.24
N SER B 105 33.61 11.50 23.06
CA SER B 105 32.51 12.48 23.04
C SER B 105 32.92 13.75 23.80
N THR B 106 32.73 14.90 23.14
CA THR B 106 33.01 16.22 23.74
C THR B 106 31.70 16.79 24.32
N ASP B 107 30.57 16.55 23.62
CA ASP B 107 29.22 16.99 23.97
C ASP B 107 28.69 16.25 25.21
N LYS B 108 28.61 16.96 26.35
CA LYS B 108 28.10 16.43 27.63
C LYS B 108 26.62 16.02 27.54
N ALA B 109 25.86 16.65 26.62
CA ALA B 109 24.44 16.36 26.39
C ALA B 109 24.24 15.05 25.61
N LEU B 110 25.26 14.60 24.83
CA LEU B 110 25.25 13.32 24.09
C LEU B 110 26.55 12.54 24.40
N PRO B 111 26.67 11.98 25.63
CA PRO B 111 27.92 11.31 26.01
C PRO B 111 28.12 9.87 25.53
N ASN B 112 27.08 9.26 24.98
CA ASN B 112 27.12 7.83 24.67
C ASN B 112 27.16 7.48 23.18
N GLN B 113 27.35 6.19 22.89
CA GLN B 113 27.34 5.64 21.54
C GLN B 113 26.55 4.34 21.60
N THR B 114 26.12 3.86 20.46
CA THR B 114 25.47 2.57 20.36
C THR B 114 26.47 1.65 19.68
N ILE B 115 26.61 0.42 20.17
CA ILE B 115 27.50 -0.58 19.59
C ILE B 115 26.71 -1.85 19.30
N ILE B 116 26.93 -2.43 18.12
CA ILE B 116 26.41 -3.75 17.72
C ILE B 116 27.60 -4.68 18.02
N ARG B 117 27.35 -5.70 18.85
CA ARG B 117 28.41 -6.61 19.31
C ARG B 117 28.00 -8.08 19.22
N ARG B 118 28.98 -8.98 18.96
CA ARG B 118 28.73 -10.43 18.93
C ARG B 118 29.38 -11.09 20.15
N TYR B 119 28.71 -12.10 20.72
CA TYR B 119 29.22 -12.93 21.80
C TYR B 119 29.17 -14.37 21.32
N THR B 120 30.00 -15.24 21.92
CA THR B 120 30.00 -16.67 21.65
C THR B 120 29.34 -17.37 22.85
N TYR B 121 28.40 -18.27 22.58
CA TYR B 121 27.78 -19.05 23.64
C TYR B 121 28.65 -20.29 23.91
N ASN B 122 29.02 -20.48 25.18
CA ASN B 122 29.82 -21.60 25.62
C ASN B 122 28.87 -22.56 26.38
N LYS B 123 28.56 -23.72 25.77
CA LYS B 123 27.66 -24.75 26.31
C LYS B 123 28.13 -25.34 27.64
N SER B 124 29.44 -25.59 27.79
CA SER B 124 30.03 -26.16 29.00
C SER B 124 29.94 -25.24 30.23
N THR B 125 30.16 -23.90 30.05
CA THR B 125 30.08 -22.95 31.16
C THR B 125 28.68 -22.29 31.26
N ASP B 126 27.82 -22.54 30.25
CA ASP B 126 26.48 -21.95 30.13
C ASP B 126 26.49 -20.39 30.26
N THR B 127 27.44 -19.72 29.59
CA THR B 127 27.52 -18.25 29.57
C THR B 127 28.08 -17.73 28.22
N LEU B 128 28.14 -16.40 28.09
CA LEU B 128 28.60 -15.70 26.88
C LEU B 128 30.04 -15.28 27.06
N GLU B 129 30.84 -15.41 26.00
CA GLU B 129 32.27 -15.09 26.00
C GLU B 129 32.73 -14.49 24.67
N LYS B 130 34.03 -14.18 24.56
CA LYS B 130 34.69 -13.62 23.37
C LYS B 130 33.89 -12.45 22.75
N PRO B 131 33.60 -11.35 23.49
CA PRO B 131 32.91 -10.21 22.85
C PRO B 131 33.73 -9.64 21.69
N VAL B 132 33.04 -9.21 20.63
CA VAL B 132 33.67 -8.56 19.48
C VAL B 132 32.72 -7.49 18.95
N ASP B 133 33.17 -6.22 18.95
CA ASP B 133 32.37 -5.12 18.44
C ASP B 133 32.33 -5.21 16.92
N LEU B 134 31.13 -5.26 16.36
CA LEU B 134 30.91 -5.33 14.91
C LEU B 134 30.83 -3.94 14.31
N LEU B 135 30.02 -3.06 14.92
CA LEU B 135 29.85 -1.69 14.47
C LEU B 135 29.63 -0.79 15.68
N ALA B 136 30.57 0.13 15.89
CA ALA B 136 30.57 1.05 17.02
C ALA B 136 30.46 2.50 16.53
N GLY B 137 30.34 3.42 17.48
CA GLY B 137 30.25 4.84 17.18
C GLY B 137 28.93 5.21 16.54
N LEU B 138 27.88 4.37 16.77
CA LEU B 138 26.57 4.70 16.25
C LEU B 138 25.93 5.76 17.17
N PRO B 139 24.99 6.58 16.66
CA PRO B 139 24.33 7.58 17.52
C PRO B 139 23.63 6.96 18.72
N SER B 140 23.55 7.75 19.81
CA SER B 140 22.85 7.35 21.03
C SER B 140 22.27 8.59 21.70
N SER B 141 21.06 8.43 22.28
CA SER B 141 20.37 9.49 23.04
C SER B 141 19.38 8.80 23.98
N LYS B 142 18.59 9.58 24.72
CA LYS B 142 17.61 9.04 25.66
C LYS B 142 16.28 8.71 24.95
N ASP B 143 16.11 9.14 23.69
CA ASP B 143 14.83 8.99 23.01
C ASP B 143 14.94 8.28 21.67
N HIS B 144 13.85 7.60 21.26
CA HIS B 144 13.74 6.95 19.94
C HIS B 144 15.01 6.21 19.52
N GLN B 145 15.41 5.25 20.36
CA GLN B 145 16.60 4.44 20.08
C GLN B 145 16.27 3.28 19.13
N SER B 146 15.07 2.67 19.31
CA SER B 146 14.54 1.55 18.50
C SER B 146 15.41 0.30 18.77
N GLY B 147 16.39 0.01 17.92
CA GLY B 147 17.33 -1.07 18.20
C GLY B 147 16.92 -2.51 18.00
N ARG B 148 15.97 -2.79 17.10
CA ARG B 148 15.60 -4.16 16.81
C ARG B 148 16.67 -4.74 15.89
N LEU B 149 17.14 -5.96 16.21
CA LEU B 149 18.22 -6.60 15.50
C LEU B 149 17.76 -7.99 15.11
N VAL B 150 17.71 -8.26 13.82
CA VAL B 150 17.34 -9.57 13.28
C VAL B 150 18.38 -10.03 12.25
N ILE B 151 18.46 -11.35 12.03
CA ILE B 151 19.32 -11.90 11.00
C ILE B 151 18.40 -12.41 9.89
N GLY B 152 18.60 -11.90 8.68
CA GLY B 152 17.79 -12.26 7.52
C GLY B 152 18.10 -13.61 6.92
N PRO B 153 17.24 -14.10 5.99
CA PRO B 153 17.52 -15.39 5.34
C PRO B 153 18.76 -15.33 4.44
N ASP B 154 19.25 -14.11 4.16
CA ASP B 154 20.49 -13.86 3.41
C ASP B 154 21.73 -13.85 4.36
N GLN B 155 21.49 -14.15 5.65
CA GLN B 155 22.46 -14.18 6.75
C GLN B 155 23.20 -12.82 6.91
N LYS B 156 22.46 -11.72 6.78
CA LYS B 156 22.95 -10.36 7.05
C LYS B 156 22.21 -9.87 8.30
N ILE B 157 22.83 -8.95 9.03
CA ILE B 157 22.18 -8.33 10.21
C ILE B 157 21.35 -7.14 9.72
N TYR B 158 20.09 -7.08 10.15
CA TYR B 158 19.20 -5.96 9.89
C TYR B 158 18.97 -5.30 11.25
N TYR B 159 19.16 -3.98 11.29
CA TYR B 159 19.11 -3.24 12.56
C TYR B 159 18.36 -1.93 12.44
N THR B 160 17.37 -1.70 13.32
CA THR B 160 16.64 -0.41 13.29
C THR B 160 17.31 0.58 14.26
N ILE B 161 17.52 1.82 13.82
CA ILE B 161 18.10 2.87 14.67
C ILE B 161 17.21 4.10 14.51
N GLY B 162 16.54 4.50 15.59
CA GLY B 162 15.60 5.62 15.57
C GLY B 162 16.19 6.98 15.30
N ASP B 163 15.30 8.00 15.18
CA ASP B 163 15.71 9.36 14.88
C ASP B 163 16.30 10.11 16.08
N GLN B 164 16.51 9.40 17.20
CA GLN B 164 17.16 9.95 18.43
C GLN B 164 16.32 11.04 19.14
N GLY B 165 15.06 11.20 18.75
CA GLY B 165 14.17 12.18 19.35
C GLY B 165 14.30 13.59 18.82
N ARG B 166 15.12 13.79 17.76
CA ARG B 166 15.31 15.12 17.17
C ARG B 166 13.98 15.72 16.68
N ASN B 167 13.78 17.03 16.94
CA ASN B 167 12.54 17.74 16.57
C ASN B 167 11.36 17.46 17.50
N GLN B 168 11.65 17.00 18.73
CA GLN B 168 10.64 16.86 19.79
C GLN B 168 11.28 16.91 21.17
N LEU B 169 10.49 17.40 22.15
CA LEU B 169 10.80 17.46 23.58
C LEU B 169 12.23 17.96 23.85
N ALA B 170 13.06 17.22 24.63
CA ALA B 170 14.42 17.65 24.98
C ALA B 170 15.36 17.92 23.79
N TYR B 171 15.08 17.32 22.63
CA TYR B 171 15.91 17.49 21.42
C TYR B 171 15.19 18.27 20.32
N LEU B 172 14.21 19.11 20.73
CA LEU B 172 13.39 19.92 19.83
C LEU B 172 14.20 20.65 18.73
N PHE B 173 15.29 21.34 19.13
CA PHE B 173 16.04 22.18 18.22
C PHE B 173 17.17 21.48 17.47
N LEU B 174 17.37 20.16 17.67
CA LEU B 174 18.40 19.45 16.91
C LEU B 174 17.85 19.09 15.53
N PRO B 175 18.64 19.28 14.43
CA PRO B 175 18.11 18.96 13.08
C PRO B 175 17.99 17.46 12.84
N ASN B 176 16.77 17.00 12.53
CA ASN B 176 16.47 15.59 12.33
C ASN B 176 17.30 15.02 11.18
N GLN B 177 17.97 13.89 11.41
CA GLN B 177 18.85 13.26 10.39
C GLN B 177 18.22 12.09 9.63
N ALA B 178 16.92 11.84 9.80
CA ALA B 178 16.26 10.69 9.15
C ALA B 178 16.42 10.66 7.61
N GLN B 179 16.44 11.84 6.98
CA GLN B 179 16.59 11.97 5.53
C GLN B 179 18.08 12.07 5.14
N HIS B 180 18.96 12.33 6.11
CA HIS B 180 20.40 12.56 5.83
C HIS B 180 21.17 11.27 5.57
N THR B 181 22.15 11.37 4.65
CA THR B 181 22.91 10.21 4.23
C THR B 181 24.40 10.50 4.35
N PRO B 182 25.26 9.48 4.53
CA PRO B 182 26.69 9.76 4.71
C PRO B 182 27.40 9.98 3.39
N THR B 183 28.48 10.74 3.44
CA THR B 183 29.36 10.92 2.29
C THR B 183 30.37 9.78 2.30
N GLN B 184 31.08 9.57 1.17
CA GLN B 184 32.13 8.56 1.08
C GLN B 184 33.22 8.89 2.09
N GLN B 185 33.57 10.18 2.23
CA GLN B 185 34.60 10.59 3.19
C GLN B 185 34.24 10.19 4.61
N GLU B 186 32.99 10.48 5.02
CA GLU B 186 32.48 10.10 6.35
C GLU B 186 32.54 8.58 6.58
N LEU B 187 32.16 7.76 5.58
CA LEU B 187 32.23 6.29 5.69
C LEU B 187 33.67 5.82 5.89
N ASN B 188 34.60 6.39 5.10
CA ASN B 188 36.04 6.10 5.17
C ASN B 188 36.61 6.39 6.56
N GLY B 189 36.06 7.40 7.23
CA GLY B 189 36.43 7.78 8.59
C GLY B 189 35.55 7.17 9.68
N LYS B 190 34.61 6.25 9.30
CA LYS B 190 33.69 5.56 10.24
C LYS B 190 32.86 6.56 11.06
N ASP B 191 32.46 7.66 10.39
CA ASP B 191 31.67 8.74 10.97
C ASP B 191 30.22 8.42 10.62
N TYR B 192 29.45 7.95 11.62
CA TYR B 192 28.07 7.47 11.41
C TYR B 192 26.99 8.38 11.98
N HIS B 193 27.24 9.70 12.04
CA HIS B 193 26.24 10.62 12.61
C HIS B 193 24.93 10.63 11.83
N THR B 194 24.97 10.29 10.52
CA THR B 194 23.74 10.24 9.70
C THR B 194 22.93 8.94 9.90
N TYR B 195 23.43 7.99 10.72
CA TYR B 195 22.73 6.73 10.98
C TYR B 195 21.67 6.92 12.07
N MET B 196 20.67 7.75 11.78
CA MET B 196 19.53 8.04 12.65
C MET B 196 18.31 7.91 11.75
N GLY B 197 17.27 7.23 12.23
CA GLY B 197 16.06 7.04 11.44
C GLY B 197 16.27 6.13 10.25
N LYS B 198 16.98 5.03 10.48
CA LYS B 198 17.33 4.09 9.41
C LYS B 198 17.07 2.65 9.74
N VAL B 199 16.99 1.82 8.69
CA VAL B 199 17.12 0.38 8.85
C VAL B 199 18.50 0.12 8.25
N LEU B 200 19.43 -0.46 9.03
CA LEU B 200 20.76 -0.79 8.54
C LEU B 200 20.74 -2.26 8.11
N ARG B 201 21.59 -2.63 7.13
CA ARG B 201 21.85 -4.02 6.69
C ARG B 201 23.38 -4.14 6.68
N LEU B 202 23.91 -5.03 7.52
CA LEU B 202 25.34 -5.22 7.72
C LEU B 202 25.75 -6.65 7.45
N ASN B 203 27.00 -6.86 7.02
CA ASN B 203 27.57 -8.20 6.92
C ASN B 203 27.78 -8.66 8.37
N LEU B 204 27.92 -9.98 8.59
CA LEU B 204 28.10 -10.52 9.95
C LEU B 204 29.38 -10.04 10.64
N ASP B 205 30.35 -9.52 9.87
CA ASP B 205 31.58 -8.97 10.44
C ASP B 205 31.47 -7.46 10.68
N GLY B 206 30.28 -6.90 10.41
CA GLY B 206 29.98 -5.48 10.57
C GLY B 206 30.33 -4.62 9.37
N SER B 207 30.94 -5.20 8.33
CA SER B 207 31.31 -4.46 7.10
C SER B 207 30.09 -4.11 6.22
N ILE B 208 30.29 -3.18 5.27
CA ILE B 208 29.22 -2.74 4.36
C ILE B 208 29.00 -3.80 3.28
N PRO B 209 27.76 -4.32 3.11
CA PRO B 209 27.51 -5.29 2.02
C PRO B 209 27.70 -4.58 0.67
N LYS B 210 28.42 -5.23 -0.24
CA LYS B 210 28.64 -4.69 -1.57
C LYS B 210 27.28 -4.43 -2.28
N ASP B 211 26.27 -5.27 -2.00
CA ASP B 211 24.95 -5.20 -2.65
C ASP B 211 23.93 -4.40 -1.85
N ASN B 212 24.41 -3.51 -0.98
CA ASN B 212 23.51 -2.61 -0.29
C ASN B 212 23.04 -1.52 -1.28
N PRO B 213 21.88 -0.88 -1.03
CA PRO B 213 21.41 0.17 -1.97
C PRO B 213 22.27 1.42 -1.93
N SER B 214 22.13 2.27 -2.96
CA SER B 214 22.82 3.55 -3.03
C SER B 214 21.85 4.67 -2.63
N PHE B 215 22.34 5.66 -1.87
CA PHE B 215 21.59 6.85 -1.49
C PHE B 215 22.49 8.02 -1.76
N ASN B 216 22.04 8.92 -2.65
CA ASN B 216 22.80 10.12 -3.06
C ASN B 216 24.21 9.74 -3.57
N GLY B 217 24.28 8.61 -4.27
CA GLY B 217 25.49 8.09 -4.90
C GLY B 217 26.47 7.35 -4.00
N VAL B 218 26.06 7.02 -2.76
CA VAL B 218 26.93 6.33 -1.81
C VAL B 218 26.25 5.05 -1.29
N VAL B 219 27.00 3.93 -1.28
CA VAL B 219 26.47 2.68 -0.69
C VAL B 219 27.06 2.61 0.74
N SER B 220 26.20 2.64 1.78
CA SER B 220 26.66 2.55 3.17
C SER B 220 25.95 1.35 3.86
N HIS B 221 25.96 1.30 5.22
CA HIS B 221 25.22 0.27 5.95
C HIS B 221 23.71 0.50 5.83
N ILE B 222 23.29 1.70 5.37
CA ILE B 222 21.87 2.05 5.22
C ILE B 222 21.15 1.15 4.19
N TYR B 223 20.01 0.57 4.63
CA TYR B 223 19.12 -0.25 3.80
C TYR B 223 17.90 0.60 3.36
N THR B 224 17.24 1.28 4.33
CA THR B 224 16.15 2.23 4.13
C THR B 224 16.39 3.42 5.05
N LEU B 225 15.82 4.57 4.70
CA LEU B 225 15.93 5.76 5.55
C LEU B 225 14.54 6.40 5.73
N GLY B 226 14.48 7.53 6.43
CA GLY B 226 13.24 8.24 6.67
C GLY B 226 12.33 7.56 7.69
N HIS B 227 12.90 7.06 8.80
CA HIS B 227 12.12 6.41 9.87
C HIS B 227 12.16 7.31 11.13
N ARG B 228 11.13 7.21 11.97
CA ARG B 228 11.05 7.93 13.22
C ARG B 228 11.52 7.04 14.39
N ASN B 229 10.66 6.09 14.86
CA ASN B 229 10.95 5.16 15.97
C ASN B 229 10.50 3.71 15.60
N PRO B 230 11.26 3.03 14.70
CA PRO B 230 10.84 1.70 14.24
C PRO B 230 11.23 0.59 15.21
N GLN B 231 10.33 0.25 16.13
CA GLN B 231 10.63 -0.76 17.15
C GLN B 231 10.33 -2.21 16.73
N GLY B 232 9.60 -2.40 15.63
CA GLY B 232 9.26 -3.74 15.15
C GLY B 232 9.94 -4.07 13.84
N LEU B 233 10.48 -5.28 13.73
CA LEU B 233 11.13 -5.73 12.48
C LEU B 233 11.04 -7.24 12.46
N ALA B 234 10.45 -7.80 11.38
CA ALA B 234 10.30 -9.28 11.32
C ALA B 234 10.21 -9.78 9.89
N PHE B 235 11.00 -10.84 9.59
CA PHE B 235 10.97 -11.51 8.30
C PHE B 235 9.79 -12.45 8.17
N THR B 236 9.19 -12.49 6.98
CA THR B 236 8.08 -13.40 6.69
C THR B 236 8.65 -14.72 6.15
N PRO B 237 7.87 -15.83 6.08
CA PRO B 237 8.43 -17.10 5.55
C PRO B 237 8.96 -16.99 4.12
N ASN B 238 8.39 -16.10 3.27
CA ASN B 238 8.86 -15.94 1.88
C ASN B 238 9.95 -14.84 1.73
N GLY B 239 10.55 -14.44 2.84
CA GLY B 239 11.67 -13.50 2.84
C GLY B 239 11.38 -12.01 2.80
N LYS B 240 10.11 -11.62 2.92
CA LYS B 240 9.73 -10.20 2.99
C LYS B 240 9.99 -9.65 4.38
N LEU B 241 10.25 -8.34 4.49
CA LEU B 241 10.57 -7.70 5.75
C LEU B 241 9.45 -6.71 6.17
N LEU B 242 8.75 -7.03 7.27
CA LEU B 242 7.64 -6.24 7.83
C LEU B 242 8.15 -5.46 9.01
N GLN B 243 7.53 -4.33 9.27
CA GLN B 243 8.06 -3.45 10.30
C GLN B 243 6.92 -2.66 10.95
N SER B 244 7.09 -2.28 12.20
CA SER B 244 6.16 -1.38 12.86
C SER B 244 6.99 -0.18 13.32
N GLU B 245 6.34 0.98 13.41
CA GLU B 245 7.02 2.23 13.71
C GLU B 245 6.12 3.21 14.45
N GLN B 246 6.65 3.91 15.47
CA GLN B 246 5.86 4.92 16.15
C GLN B 246 5.90 6.25 15.39
N GLY B 247 4.72 6.77 15.08
CA GLY B 247 4.53 8.08 14.51
C GLY B 247 4.43 9.12 15.60
N PRO B 248 4.22 10.43 15.25
CA PRO B 248 4.14 11.47 16.29
C PRO B 248 2.77 11.52 17.00
N ASN B 249 1.91 12.52 16.76
CA ASN B 249 0.57 12.54 17.41
C ASN B 249 -0.41 11.64 16.65
N SER B 250 0.00 11.12 15.48
CA SER B 250 -0.83 10.33 14.58
C SER B 250 0.07 9.41 13.80
N ASP B 251 -0.54 8.58 12.93
CA ASP B 251 0.17 7.82 11.92
C ASP B 251 1.32 6.92 12.41
N ASP B 252 1.05 6.06 13.41
CA ASP B 252 2.01 4.96 13.68
C ASP B 252 1.84 4.09 12.42
N GLU B 253 2.86 3.34 12.04
CA GLU B 253 2.82 2.61 10.77
C GLU B 253 3.19 1.15 10.85
N ILE B 254 2.66 0.37 9.90
CA ILE B 254 3.06 -0.99 9.56
C ILE B 254 3.66 -0.76 8.16
N ASN B 255 4.95 -1.04 8.01
CA ASN B 255 5.63 -0.86 6.73
C ASN B 255 6.13 -2.17 6.13
N LEU B 256 6.21 -2.21 4.79
CA LEU B 256 6.87 -3.27 4.04
C LEU B 256 8.23 -2.63 3.70
N ILE B 257 9.33 -3.25 4.20
CA ILE B 257 10.69 -2.72 4.01
C ILE B 257 11.23 -3.20 2.68
N VAL B 258 11.50 -2.24 1.80
CA VAL B 258 11.95 -2.44 0.43
C VAL B 258 13.34 -1.84 0.28
N LYS B 259 14.26 -2.62 -0.25
CA LYS B 259 15.66 -2.20 -0.40
C LYS B 259 15.75 -0.85 -1.12
N GLY B 260 16.38 0.11 -0.43
CA GLY B 260 16.60 1.46 -0.97
C GLY B 260 15.44 2.44 -0.85
N GLY B 261 14.38 2.04 -0.15
CA GLY B 261 13.20 2.88 0.04
C GLY B 261 13.41 4.02 1.02
N ASN B 262 12.60 5.07 0.89
CA ASN B 262 12.62 6.26 1.73
C ASN B 262 11.25 6.29 2.41
N TYR B 263 11.22 6.14 3.74
CA TYR B 263 9.95 6.02 4.46
C TYR B 263 9.37 7.40 4.93
N GLY B 264 9.92 8.47 4.37
CA GLY B 264 9.34 9.80 4.48
C GLY B 264 9.55 10.69 5.68
N TRP B 265 9.85 10.11 6.87
CA TRP B 265 9.99 10.92 8.10
C TRP B 265 11.25 11.84 8.00
N PRO B 266 11.22 13.11 8.44
CA PRO B 266 10.12 13.82 9.13
C PRO B 266 9.16 14.61 8.21
N ASN B 267 9.43 14.62 6.89
CA ASN B 267 8.60 15.36 5.93
C ASN B 267 7.19 14.77 5.76
N VAL B 268 7.06 13.45 5.96
CA VAL B 268 5.78 12.74 5.79
C VAL B 268 5.53 11.77 6.94
N ALA B 269 4.36 11.89 7.61
CA ALA B 269 3.91 10.96 8.65
C ALA B 269 2.78 10.13 8.02
N GLY B 270 2.99 8.82 7.89
CA GLY B 270 1.97 7.97 7.26
C GLY B 270 1.88 8.18 5.76
N TYR B 271 0.68 8.31 5.22
CA TYR B 271 0.51 8.52 3.77
C TYR B 271 0.92 9.96 3.45
N LYS B 272 1.21 10.25 2.16
CA LYS B 272 1.52 11.63 1.74
C LYS B 272 0.14 12.23 1.39
N ASP B 273 -0.58 12.63 2.44
CA ASP B 273 -1.98 13.05 2.27
C ASP B 273 -2.33 14.45 2.78
N ASP B 274 -1.36 15.16 3.43
CA ASP B 274 -1.56 16.48 4.04
C ASP B 274 -2.75 16.42 5.01
N SER B 275 -2.90 15.29 5.73
CA SER B 275 -4.05 15.09 6.62
C SER B 275 -3.61 14.86 8.04
N GLY B 276 -3.80 15.88 8.88
CA GLY B 276 -3.47 15.79 10.30
C GLY B 276 -2.00 15.94 10.70
N TYR B 277 -1.10 16.15 9.71
CA TYR B 277 0.32 16.39 9.97
C TYR B 277 0.95 17.30 8.95
N ALA B 278 1.91 18.13 9.40
CA ALA B 278 2.79 18.94 8.56
C ALA B 278 4.13 18.96 9.29
N TYR B 279 5.23 19.17 8.55
CA TYR B 279 6.56 19.20 9.14
C TYR B 279 7.00 20.58 9.57
N ALA B 280 7.01 20.79 10.89
CA ALA B 280 7.50 22.04 11.51
C ALA B 280 8.90 21.76 11.96
N ASN B 281 9.88 22.39 11.28
CA ASN B 281 11.30 22.17 11.53
C ASN B 281 11.83 23.18 12.53
N TYR B 282 11.84 22.81 13.83
CA TYR B 282 12.28 23.69 14.91
C TYR B 282 13.76 24.05 14.84
N SER B 283 14.60 23.19 14.22
CA SER B 283 16.03 23.46 14.03
C SER B 283 16.27 24.62 13.07
N ALA B 284 15.25 24.98 12.27
CA ALA B 284 15.31 26.11 11.34
C ALA B 284 14.47 27.31 11.86
N ALA B 285 14.04 27.28 13.15
CA ALA B 285 13.29 28.39 13.77
C ALA B 285 14.18 29.62 13.91
N ALA B 286 13.55 30.81 14.10
CA ALA B 286 14.25 32.10 14.27
C ALA B 286 15.19 32.11 15.48
N ASN B 287 14.81 31.42 16.59
CA ASN B 287 15.58 31.30 17.83
C ASN B 287 15.07 30.15 18.70
N LYS B 288 15.76 29.85 19.83
CA LYS B 288 15.40 28.75 20.73
C LYS B 288 14.28 29.08 21.75
N SER B 289 13.64 30.26 21.63
CA SER B 289 12.55 30.64 22.54
C SER B 289 11.19 30.11 22.03
N ILE B 290 11.13 29.69 20.75
CA ILE B 290 9.91 29.18 20.09
C ILE B 290 9.41 27.90 20.73
N LYS B 291 8.11 27.92 21.12
CA LYS B 291 7.45 26.78 21.75
C LYS B 291 6.77 25.89 20.73
N ASP B 292 6.72 24.57 21.04
CA ASP B 292 6.04 23.55 20.24
C ASP B 292 4.61 23.41 20.79
N LEU B 293 3.59 23.80 19.98
CA LEU B 293 2.17 23.71 20.40
C LEU B 293 1.67 22.25 20.56
N ALA B 294 2.44 21.26 20.05
CA ALA B 294 2.13 19.82 20.10
C ALA B 294 0.82 19.46 19.37
N GLN B 295 0.58 20.17 18.24
CA GLN B 295 -0.60 20.01 17.39
C GLN B 295 -0.22 19.31 16.09
N ASN B 296 0.89 18.53 16.12
CA ASN B 296 1.36 17.75 14.97
C ASN B 296 1.68 18.56 13.70
N GLY B 297 2.00 19.85 13.87
CA GLY B 297 2.33 20.70 12.73
C GLY B 297 1.15 21.35 12.04
N VAL B 298 -0.10 20.95 12.41
CA VAL B 298 -1.36 21.49 11.84
CA VAL B 298 -1.32 21.51 11.81
C VAL B 298 -1.49 22.97 12.26
N LYS B 299 -1.18 23.23 13.54
CA LYS B 299 -1.19 24.55 14.15
CA LYS B 299 -1.21 24.55 14.16
C LYS B 299 0.15 24.72 14.84
N VAL B 300 0.83 25.83 14.54
CA VAL B 300 2.15 26.08 15.15
C VAL B 300 2.22 27.49 15.71
N ALA B 301 3.23 27.73 16.58
CA ALA B 301 3.53 29.04 17.11
C ALA B 301 4.28 29.79 15.98
N ALA B 302 4.28 31.12 15.99
CA ALA B 302 4.99 31.89 14.95
C ALA B 302 6.49 31.69 15.11
N GLY B 303 7.22 31.69 14.00
CA GLY B 303 8.67 31.57 14.02
C GLY B 303 9.26 30.22 13.63
N VAL B 304 8.41 29.23 13.30
CA VAL B 304 8.89 27.89 12.88
C VAL B 304 8.49 27.61 11.42
N PRO B 305 9.43 27.28 10.49
CA PRO B 305 9.02 26.99 9.10
C PRO B 305 8.27 25.67 8.98
N VAL B 306 7.12 25.69 8.29
CA VAL B 306 6.25 24.52 8.10
C VAL B 306 6.21 24.11 6.63
N THR B 307 6.45 22.80 6.34
CA THR B 307 6.39 22.26 4.99
C THR B 307 5.25 21.22 4.97
N LYS B 308 4.31 21.35 4.02
CA LYS B 308 3.24 20.34 3.93
C LYS B 308 3.86 19.05 3.36
N GLU B 309 3.23 17.89 3.62
CA GLU B 309 3.73 16.62 3.07
C GLU B 309 3.83 16.68 1.54
N SER B 310 2.84 17.33 0.88
CA SER B 310 2.79 17.49 -0.59
C SER B 310 3.81 18.48 -1.15
N GLU B 311 4.44 19.31 -0.30
CA GLU B 311 5.42 20.33 -0.72
C GLU B 311 6.86 19.78 -0.70
N TRP B 312 7.07 18.61 -0.08
CA TRP B 312 8.37 17.95 0.02
C TRP B 312 8.84 17.38 -1.33
N THR B 313 10.10 17.64 -1.72
CA THR B 313 10.64 17.05 -2.94
C THR B 313 11.40 15.81 -2.46
N GLY B 314 10.77 14.66 -2.59
CA GLY B 314 11.33 13.39 -2.15
C GLY B 314 11.68 12.42 -3.25
N LYS B 315 12.55 11.45 -2.91
CA LYS B 315 12.94 10.38 -3.83
C LYS B 315 12.75 9.02 -3.17
N ASN B 316 12.12 8.07 -3.91
CA ASN B 316 11.84 6.69 -3.46
C ASN B 316 10.90 6.65 -2.25
N PHE B 317 9.98 7.62 -2.13
CA PHE B 317 9.05 7.62 -0.97
C PHE B 317 8.15 6.39 -1.02
N VAL B 318 8.11 5.64 0.09
CA VAL B 318 7.32 4.41 0.28
C VAL B 318 6.25 4.67 1.34
N PRO B 319 4.96 4.57 0.98
CA PRO B 319 3.91 4.78 1.98
C PRO B 319 3.70 3.50 2.82
N PRO B 320 3.14 3.63 4.03
CA PRO B 320 2.90 2.44 4.87
C PRO B 320 1.80 1.53 4.32
N LEU B 321 1.83 0.26 4.74
CA LEU B 321 0.77 -0.71 4.44
C LEU B 321 -0.47 -0.34 5.26
N LYS B 322 -0.27 0.21 6.46
CA LYS B 322 -1.40 0.55 7.33
C LYS B 322 -0.95 1.64 8.31
N THR B 323 -1.87 2.55 8.66
CA THR B 323 -1.60 3.58 9.66
C THR B 323 -2.51 3.36 10.87
N LEU B 324 -1.98 3.60 12.07
CA LEU B 324 -2.71 3.47 13.32
C LEU B 324 -2.42 4.75 14.15
N TYR B 325 -3.08 5.90 13.83
CA TYR B 325 -4.19 6.05 12.87
C TYR B 325 -4.07 7.37 12.06
N THR B 326 -4.86 7.52 11.00
CA THR B 326 -4.89 8.74 10.19
C THR B 326 -6.21 9.49 10.51
N VAL B 327 -6.07 10.79 10.72
CA VAL B 327 -7.17 11.72 11.04
C VAL B 327 -7.12 12.93 10.11
N GLN B 328 -8.24 13.67 10.03
CA GLN B 328 -8.35 14.89 9.23
C GLN B 328 -7.86 16.11 10.04
N ASP B 329 -7.62 17.26 9.39
CA ASP B 329 -7.13 18.50 10.01
C ASP B 329 -7.97 19.06 11.13
N THR B 330 -9.27 18.73 11.14
CA THR B 330 -10.23 19.19 12.14
C THR B 330 -10.12 18.40 13.45
N TYR B 331 -9.26 17.36 13.48
CA TYR B 331 -9.07 16.53 14.67
C TYR B 331 -8.54 17.32 15.87
N ASN B 332 -9.15 17.12 17.05
CA ASN B 332 -8.73 17.78 18.28
C ASN B 332 -7.64 16.98 19.04
N TYR B 333 -6.39 17.48 19.03
CA TYR B 333 -5.25 16.84 19.70
C TYR B 333 -5.15 17.14 21.21
N ASN B 334 -6.15 17.82 21.78
CA ASN B 334 -6.21 18.16 23.21
C ASN B 334 -7.49 17.61 23.85
N ASP B 335 -7.55 16.28 24.00
CA ASP B 335 -8.70 15.56 24.57
C ASP B 335 -8.70 15.63 26.11
N PRO B 336 -9.74 16.26 26.73
CA PRO B 336 -9.76 16.38 28.21
C PRO B 336 -9.91 15.08 28.99
N THR B 337 -10.35 13.99 28.32
CA THR B 337 -10.52 12.66 28.94
C THR B 337 -9.18 12.09 29.48
N CYS B 338 -8.04 12.58 28.93
CA CYS B 338 -6.68 12.17 29.32
C CYS B 338 -6.02 13.17 30.31
N GLY B 339 -6.73 14.26 30.63
CA GLY B 339 -6.28 15.31 31.55
C GLY B 339 -4.94 15.91 31.18
N GLU B 340 -3.94 15.78 32.07
CA GLU B 340 -2.60 16.32 31.82
C GLU B 340 -1.72 15.34 31.02
N MET B 341 -2.17 14.08 30.85
CA MET B 341 -1.46 13.07 30.06
C MET B 341 -2.06 13.01 28.64
N THR B 342 -2.16 14.20 28.00
CA THR B 342 -2.75 14.47 26.67
C THR B 342 -2.30 13.47 25.58
N TYR B 343 -1.00 13.09 25.55
CA TYR B 343 -0.44 12.18 24.54
C TYR B 343 -1.12 10.80 24.46
N ILE B 344 -1.69 10.29 25.58
CA ILE B 344 -2.38 8.97 25.60
C ILE B 344 -3.69 8.99 24.75
N CYS B 345 -4.34 10.18 24.58
CA CYS B 345 -5.60 10.28 23.82
C CYS B 345 -5.41 10.57 22.31
N TRP B 346 -4.16 10.82 21.89
CA TRP B 346 -3.81 11.10 20.49
C TRP B 346 -4.16 9.88 19.64
N PRO B 347 -4.47 10.05 18.33
CA PRO B 347 -4.86 8.88 17.50
C PRO B 347 -3.67 7.98 17.08
N THR B 348 -3.03 7.36 18.06
CA THR B 348 -1.87 6.46 17.91
C THR B 348 -2.06 5.29 18.87
N VAL B 349 -1.23 4.26 18.71
CA VAL B 349 -1.23 3.05 19.54
C VAL B 349 0.14 2.77 20.18
N ALA B 350 1.22 3.47 19.72
CA ALA B 350 2.62 3.27 20.18
C ALA B 350 3.02 1.77 20.05
N PRO B 351 3.12 1.25 18.80
CA PRO B 351 3.55 -0.15 18.61
C PRO B 351 4.99 -0.33 19.09
N SER B 352 5.19 -1.39 19.86
CA SER B 352 6.47 -1.72 20.50
C SER B 352 7.26 -2.82 19.80
N SER B 353 6.61 -3.58 18.91
CA SER B 353 7.26 -4.68 18.22
C SER B 353 6.44 -5.09 17.02
N ALA B 354 6.83 -6.18 16.38
CA ALA B 354 6.14 -6.78 15.24
C ALA B 354 6.61 -8.23 15.12
N TYR B 355 5.67 -9.16 15.13
CA TYR B 355 5.97 -10.58 15.12
C TYR B 355 5.17 -11.32 14.09
N VAL B 356 5.84 -12.10 13.25
CA VAL B 356 5.21 -12.90 12.19
C VAL B 356 4.79 -14.25 12.78
N TYR B 357 3.48 -14.46 12.90
CA TYR B 357 2.90 -15.68 13.44
C TYR B 357 3.05 -16.82 12.40
N LYS B 358 3.76 -17.89 12.79
CA LYS B 358 4.06 -18.99 11.85
C LYS B 358 3.18 -20.23 11.98
N GLY B 359 2.24 -20.21 12.90
CA GLY B 359 1.36 -21.35 13.10
C GLY B 359 2.08 -22.57 13.69
N GLY B 360 1.84 -23.74 13.11
CA GLY B 360 2.41 -25.00 13.58
C GLY B 360 1.36 -26.09 13.77
N LYS B 361 1.73 -27.19 14.50
CA LYS B 361 0.85 -28.36 14.76
C LYS B 361 -0.52 -27.98 15.38
N LYS B 362 -0.54 -26.95 16.22
CA LYS B 362 -1.72 -26.48 16.96
C LYS B 362 -2.09 -25.03 16.58
N ALA B 363 -1.85 -24.66 15.30
CA ALA B 363 -2.14 -23.32 14.76
C ALA B 363 -3.55 -22.86 15.10
N ILE B 364 -3.67 -21.58 15.51
CA ILE B 364 -4.95 -20.98 15.86
C ILE B 364 -5.73 -20.74 14.57
N THR B 365 -6.94 -21.32 14.49
CA THR B 365 -7.80 -21.19 13.31
C THR B 365 -8.02 -19.73 12.92
N GLY B 366 -7.80 -19.43 11.65
CA GLY B 366 -7.97 -18.09 11.09
C GLY B 366 -6.80 -17.15 11.23
N TRP B 367 -5.69 -17.59 11.91
CA TRP B 367 -4.52 -16.74 12.14
C TRP B 367 -3.40 -16.89 11.09
N GLU B 368 -3.67 -17.57 9.96
CA GLU B 368 -2.66 -17.73 8.92
C GLU B 368 -2.21 -16.36 8.39
N ASN B 369 -0.89 -16.19 8.15
CA ASN B 369 -0.32 -14.96 7.56
C ASN B 369 -0.59 -13.68 8.39
N THR B 370 -0.62 -13.82 9.73
CA THR B 370 -0.87 -12.65 10.57
C THR B 370 0.42 -12.10 11.14
N LEU B 371 0.37 -10.81 11.48
CA LEU B 371 1.42 -10.04 12.11
C LEU B 371 0.86 -9.57 13.44
N LEU B 372 1.57 -9.90 14.54
CA LEU B 372 1.17 -9.50 15.88
C LEU B 372 1.94 -8.26 16.27
N VAL B 373 1.22 -7.19 16.66
CA VAL B 373 1.79 -5.88 16.97
C VAL B 373 1.36 -5.43 18.37
N PRO B 374 2.24 -5.56 19.37
CA PRO B 374 1.88 -5.11 20.73
C PRO B 374 1.77 -3.61 20.82
N SER B 375 0.80 -3.12 21.59
CA SER B 375 0.57 -1.69 21.81
C SER B 375 0.89 -1.30 23.26
N LEU B 376 1.73 -0.25 23.41
CA LEU B 376 2.10 0.26 24.72
C LEU B 376 0.99 1.12 25.33
N LYS B 377 0.42 2.06 24.57
CA LYS B 377 -0.53 2.99 25.18
C LYS B 377 -1.98 2.49 25.27
N ARG B 378 -2.35 1.51 24.46
CA ARG B 378 -3.73 0.98 24.42
C ARG B 378 -3.92 -0.30 25.25
N GLY B 379 -2.83 -0.95 25.63
CA GLY B 379 -2.91 -2.19 26.41
C GLY B 379 -3.57 -3.33 25.66
N VAL B 380 -3.21 -3.49 24.38
CA VAL B 380 -3.70 -4.57 23.51
C VAL B 380 -2.56 -5.10 22.67
N ILE B 381 -2.78 -6.28 22.06
CA ILE B 381 -1.88 -6.85 21.04
C ILE B 381 -2.75 -6.92 19.78
N PHE B 382 -2.37 -6.18 18.74
CA PHE B 382 -3.12 -6.22 17.47
C PHE B 382 -2.78 -7.46 16.65
N ARG B 383 -3.81 -8.01 15.98
CA ARG B 383 -3.65 -9.09 14.99
C ARG B 383 -3.95 -8.44 13.64
N ILE B 384 -2.96 -8.44 12.73
CA ILE B 384 -3.08 -7.85 11.40
C ILE B 384 -2.86 -8.93 10.36
N LYS B 385 -3.89 -9.24 9.58
CA LYS B 385 -3.77 -10.25 8.54
C LYS B 385 -3.15 -9.67 7.26
N LEU B 386 -2.36 -10.50 6.55
CA LEU B 386 -1.81 -10.17 5.24
C LEU B 386 -2.22 -11.28 4.28
N ASP B 387 -2.06 -11.05 2.97
CA ASP B 387 -2.37 -12.10 2.00
C ASP B 387 -1.25 -13.19 2.08
N PRO B 388 -1.43 -14.41 1.49
CA PRO B 388 -0.40 -15.46 1.65
C PRO B 388 1.00 -15.13 1.12
N THR B 389 1.12 -14.11 0.24
CA THR B 389 2.42 -13.66 -0.29
C THR B 389 3.01 -12.49 0.51
N TYR B 390 2.30 -12.00 1.56
CA TYR B 390 2.76 -10.88 2.40
C TYR B 390 3.05 -9.60 1.55
N SER B 391 2.13 -9.33 0.61
CA SER B 391 2.23 -8.19 -0.30
C SER B 391 1.32 -7.02 0.09
N THR B 392 0.27 -7.31 0.88
CA THR B 392 -0.73 -6.36 1.35
C THR B 392 -1.33 -6.83 2.64
N THR B 393 -1.88 -5.87 3.41
CA THR B 393 -2.67 -6.28 4.56
C THR B 393 -4.06 -6.61 4.04
N TYR B 394 -4.82 -7.35 4.83
CA TYR B 394 -6.23 -7.65 4.60
C TYR B 394 -6.94 -7.04 5.81
N ASP B 395 -8.01 -6.25 5.58
CA ASP B 395 -8.86 -5.69 6.65
C ASP B 395 -8.10 -4.79 7.64
N ASP B 396 -8.53 -4.75 8.91
CA ASP B 396 -8.00 -3.83 9.90
C ASP B 396 -7.13 -4.50 10.97
N ALA B 397 -6.61 -3.68 11.90
CA ALA B 397 -5.82 -4.18 13.03
C ALA B 397 -6.79 -4.54 14.15
N VAL B 398 -6.90 -5.85 14.43
CA VAL B 398 -7.84 -6.41 15.42
C VAL B 398 -7.22 -6.38 16.81
N PRO B 399 -7.77 -5.61 17.78
CA PRO B 399 -7.20 -5.59 19.13
C PRO B 399 -7.48 -6.89 19.91
N MET B 400 -6.52 -7.31 20.76
CA MET B 400 -6.70 -8.51 21.58
C MET B 400 -6.09 -8.28 22.96
N PHE B 401 -6.54 -9.07 23.97
CA PHE B 401 -5.96 -9.06 25.32
C PHE B 401 -5.98 -7.68 26.01
N LYS B 402 -7.10 -6.92 25.90
CA LYS B 402 -7.18 -5.62 26.55
C LYS B 402 -6.95 -5.73 28.04
N SER B 403 -5.97 -4.98 28.56
CA SER B 403 -5.68 -4.89 29.99
C SER B 403 -4.96 -3.56 30.27
N ASN B 404 -4.79 -3.19 31.54
CA ASN B 404 -4.08 -1.96 31.88
C ASN B 404 -2.62 -2.30 31.99
N ASN B 405 -2.01 -2.63 30.83
CA ASN B 405 -0.60 -3.04 30.74
C ASN B 405 0.00 -2.40 29.51
N ARG B 406 1.30 -2.15 29.56
CA ARG B 406 2.03 -1.66 28.40
C ARG B 406 2.70 -2.88 27.74
N TYR B 407 2.12 -3.42 26.63
CA TYR B 407 2.65 -4.60 25.95
C TYR B 407 3.91 -4.24 25.17
N ARG B 408 5.01 -4.92 25.49
CA ARG B 408 6.34 -4.61 24.97
C ARG B 408 6.86 -5.57 23.88
N ASP B 409 6.50 -6.86 23.93
CA ASP B 409 6.93 -7.83 22.92
C ASP B 409 6.03 -9.04 22.96
N VAL B 410 6.06 -9.81 21.89
CA VAL B 410 5.22 -11.01 21.76
C VAL B 410 5.93 -12.03 20.88
N ILE B 411 5.80 -13.32 21.23
CA ILE B 411 6.25 -14.48 20.43
C ILE B 411 5.18 -15.58 20.57
N ALA B 412 5.29 -16.63 19.76
CA ALA B 412 4.40 -17.79 19.87
C ALA B 412 5.25 -19.03 20.08
N SER B 413 4.68 -20.06 20.71
CA SER B 413 5.35 -21.37 20.87
C SER B 413 5.44 -22.05 19.47
N PRO B 414 6.38 -23.00 19.23
CA PRO B 414 6.42 -23.68 17.91
C PRO B 414 5.09 -24.33 17.46
N ASP B 415 4.29 -24.86 18.40
CA ASP B 415 2.99 -25.45 18.05
C ASP B 415 1.97 -24.39 17.64
N GLY B 416 2.17 -23.15 18.09
CA GLY B 416 1.35 -22.01 17.73
C GLY B 416 0.10 -21.73 18.56
N ASN B 417 -0.20 -22.57 19.56
CA ASN B 417 -1.41 -22.36 20.38
C ASN B 417 -1.15 -21.55 21.65
N VAL B 418 0.11 -21.18 21.89
CA VAL B 418 0.52 -20.43 23.07
C VAL B 418 1.28 -19.18 22.65
N LEU B 419 0.93 -18.04 23.23
CA LEU B 419 1.63 -16.78 23.03
C LEU B 419 2.35 -16.40 24.32
N TYR B 420 3.56 -15.84 24.18
CA TYR B 420 4.36 -15.32 25.31
C TYR B 420 4.54 -13.83 25.08
N VAL B 421 4.29 -13.05 26.14
CA VAL B 421 4.27 -11.60 26.04
C VAL B 421 5.09 -10.91 27.15
N LEU B 422 5.75 -9.77 26.83
CA LEU B 422 6.44 -9.00 27.87
C LEU B 422 5.63 -7.74 28.12
N THR B 423 5.63 -7.25 29.37
CA THR B 423 4.97 -5.99 29.69
C THR B 423 5.98 -5.05 30.35
N ASP B 424 5.81 -3.72 30.21
CA ASP B 424 6.69 -2.74 30.85
C ASP B 424 6.50 -2.73 32.37
N THR B 425 7.58 -2.38 33.09
CA THR B 425 7.60 -2.28 34.54
C THR B 425 6.79 -1.07 35.01
N ALA B 426 6.84 0.06 34.26
CA ALA B 426 6.20 1.32 34.63
C ALA B 426 5.83 2.18 33.42
N GLY B 427 4.86 3.08 33.62
CA GLY B 427 4.42 3.98 32.56
C GLY B 427 2.91 4.17 32.52
N ASN B 428 2.43 4.87 31.50
CA ASN B 428 1.01 5.17 31.33
C ASN B 428 0.33 4.28 30.32
N VAL B 429 -0.97 4.03 30.54
CA VAL B 429 -1.80 3.20 29.67
C VAL B 429 -3.24 3.70 29.73
N GLN B 430 -3.99 3.49 28.65
CA GLN B 430 -5.39 3.85 28.57
C GLN B 430 -6.25 2.76 29.21
N LYS B 431 -7.18 3.15 30.10
CA LYS B 431 -8.09 2.22 30.79
C LYS B 431 -9.29 1.94 29.89
N ASP B 432 -10.20 1.03 30.33
CA ASP B 432 -11.44 0.70 29.62
C ASP B 432 -12.28 1.95 29.31
N ASP B 433 -12.38 2.90 30.26
CA ASP B 433 -13.18 4.12 30.10
C ASP B 433 -12.51 5.23 29.26
N GLY B 434 -11.31 4.98 28.75
CA GLY B 434 -10.57 5.98 27.96
C GLY B 434 -9.62 6.88 28.73
N SER B 435 -9.71 6.90 30.07
CA SER B 435 -8.83 7.71 30.90
C SER B 435 -7.45 7.06 31.06
N VAL B 436 -6.52 7.78 31.69
CA VAL B 436 -5.14 7.35 31.87
C VAL B 436 -4.89 6.82 33.27
N THR B 437 -4.06 5.78 33.37
CA THR B 437 -3.57 5.23 34.64
C THR B 437 -2.09 4.87 34.48
N ASN B 438 -1.34 4.90 35.60
CA ASN B 438 0.03 4.44 35.67
C ASN B 438 0.09 3.24 36.64
N THR B 439 -1.09 2.72 37.04
CA THR B 439 -1.22 1.51 37.87
C THR B 439 -1.31 0.35 36.88
N LEU B 440 -0.16 -0.31 36.65
CA LEU B 440 -0.12 -1.42 35.69
C LEU B 440 -0.51 -2.74 36.33
N GLU B 441 -1.42 -3.50 35.68
CA GLU B 441 -1.91 -4.77 36.21
C GLU B 441 -0.77 -5.77 36.48
N ASN B 442 0.15 -5.91 35.50
CA ASN B 442 1.28 -6.85 35.56
C ASN B 442 2.58 -6.10 35.25
N PRO B 443 3.18 -5.47 36.27
CA PRO B 443 4.42 -4.71 36.02
C PRO B 443 5.64 -5.59 35.75
N GLY B 444 6.29 -5.36 34.61
CA GLY B 444 7.50 -6.04 34.15
C GLY B 444 7.33 -7.54 34.13
N SER B 445 6.31 -8.00 33.41
CA SER B 445 5.97 -9.40 33.41
C SER B 445 6.27 -10.14 32.12
N LEU B 446 6.33 -11.47 32.25
CA LEU B 446 6.35 -12.46 31.16
C LEU B 446 5.01 -13.18 31.36
N ILE B 447 4.14 -13.08 30.38
CA ILE B 447 2.78 -13.64 30.46
C ILE B 447 2.60 -14.66 29.37
N LYS B 448 1.89 -15.74 29.70
CA LYS B 448 1.55 -16.83 28.78
C LYS B 448 0.04 -16.78 28.51
N PHE B 449 -0.35 -16.80 27.22
CA PHE B 449 -1.74 -16.88 26.80
C PHE B 449 -1.91 -18.19 26.04
N THR B 450 -2.79 -19.07 26.54
CA THR B 450 -3.05 -20.36 25.91
C THR B 450 -4.42 -20.38 25.26
N TYR B 451 -4.46 -20.68 23.95
CA TYR B 451 -5.73 -20.75 23.21
C TYR B 451 -6.67 -21.85 23.74
N LYS B 452 -7.98 -21.56 23.71
CA LYS B 452 -9.08 -22.47 24.02
C LYS B 452 -10.23 -22.15 23.02
N ALA B 453 -10.87 -23.18 22.44
CA ALA B 453 -11.93 -22.99 21.44
C ALA B 453 -13.23 -22.51 22.08
CA CA C . -10.78 0.02 -4.02
CA CA D . -11.70 6.31 1.44
CA CA E . -14.05 11.22 -18.04
CL CL F . -29.50 -19.18 -5.83
CA CA G . 6.67 6.65 7.07
CA CA H . 0.26 12.00 6.31
CA CA I . 25.48 15.54 6.46
#